data_4A12
#
_entry.id   4A12
#
_cell.length_a   114.690
_cell.length_b   249.940
_cell.length_c   179.210
_cell.angle_alpha   90.00
_cell.angle_beta   90.00
_cell.angle_gamma   90.00
#
_symmetry.space_group_name_H-M   'C 2 2 21'
#
loop_
_entity.id
_entity.type
_entity.pdbx_description
1 polymer 'TRANSCRIPTION FACTOR FAPR'
2 polymer 'FAPR PROMOTER'
3 polymer 'FAPR PROMOTER'
#
loop_
_entity_poly.entity_id
_entity_poly.type
_entity_poly.pdbx_seq_one_letter_code
_entity_poly.pdbx_strand_id
1 'polypeptide(L)'
;(MSE)RGETLKLKKDKRREAIRQQIDSNPFITDHELSDLFQVSIQTIRLDRTYLNIPELRKRIKLVAEKNYDQISSIEEQ
EFIGDLIQVNPNVKAQSILDITSDSVFHKTGIARGHVLFAQANSLCVALIKQPTVLTHESSIQFIEKVKLNDTVRAEARV
VNQTAKHYYVEVKSYVKHTLVFKGNFK(MSE)FYDKRG
;
A,B,C,D
2 'polydeoxyribonucleotide'
;(DG)(DC)(DC)(DA)(DA)(DT)(DT)(DA)(DT)(DA)(DT)(DA)(DC)(DT)(DA)(DC)(DT)(DA)(DT)(DT)
(DA)(DG)(DT)(DA)(DC)(DC)(DT)(DA)(DG)(DT)(DC)(DT)(DT)(DA)(DA)(DT)(DT)(DC)(DC)(DG)
;
F
3 'polydeoxyribonucleotide'
;(DC)(DG)(DG)(DA)(DA)(DT)(DT)(DA)(DA)(DG)(DA)(DC)(DT)(DA)(DG)(DG)(DT)(DA)(DC)(DT)
(DA)(DA)(DT)(DA)(DG)(DT)(DA)(DG)(DT)(DA)(DT)(DA)(DT)(DA)(DA)(DT)(DT)(DG)(DG)(DC)
;
G
#
loop_
_chem_comp.id
_chem_comp.type
_chem_comp.name
_chem_comp.formula
DA DNA linking 2'-DEOXYADENOSINE-5'-MONOPHOSPHATE 'C10 H14 N5 O6 P'
DC DNA linking 2'-DEOXYCYTIDINE-5'-MONOPHOSPHATE 'C9 H14 N3 O7 P'
DG DNA linking 2'-DEOXYGUANOSINE-5'-MONOPHOSPHATE 'C10 H14 N5 O7 P'
DT DNA linking THYMIDINE-5'-MONOPHOSPHATE 'C10 H15 N2 O8 P'
#
# COMPACT_ATOMS: atom_id res chain seq x y z
N LYS A 7 -51.52 4.16 12.60
CA LYS A 7 -51.50 3.90 14.04
C LYS A 7 -51.13 5.13 14.89
N LEU A 8 -50.17 5.94 14.41
CA LEU A 8 -49.70 7.13 15.15
C LEU A 8 -50.36 8.44 14.71
N LYS A 9 -51.00 9.13 15.67
CA LYS A 9 -51.63 10.44 15.43
C LYS A 9 -50.55 11.54 15.48
N LYS A 10 -50.88 12.75 14.97
CA LYS A 10 -50.00 13.93 14.90
C LYS A 10 -49.02 14.09 16.07
N ASP A 11 -49.54 14.26 17.31
CA ASP A 11 -48.72 14.44 18.52
C ASP A 11 -47.85 13.23 18.85
N LYS A 12 -48.41 12.01 18.76
CA LYS A 12 -47.71 10.75 19.05
C LYS A 12 -46.58 10.49 18.06
N ARG A 13 -46.82 10.78 16.76
CA ARG A 13 -45.84 10.62 15.67
C ARG A 13 -44.66 11.56 15.88
N ARG A 14 -44.93 12.84 16.19
CA ARG A 14 -43.92 13.87 16.42
C ARG A 14 -42.99 13.52 17.59
N GLU A 15 -43.58 12.98 18.68
CA GLU A 15 -42.90 12.51 19.89
C GLU A 15 -41.91 11.39 19.52
N ALA A 16 -42.34 10.46 18.64
CA ALA A 16 -41.53 9.34 18.16
C ALA A 16 -40.47 9.80 17.17
N ILE A 17 -40.79 10.81 16.31
CA ILE A 17 -39.86 11.40 15.34
C ILE A 17 -38.69 12.07 16.08
N ARG A 18 -39.02 12.89 17.10
CA ARG A 18 -38.06 13.59 17.97
C ARG A 18 -37.09 12.60 18.62
N GLN A 19 -37.62 11.48 19.14
CA GLN A 19 -36.82 10.43 19.77
C GLN A 19 -35.95 9.68 18.76
N GLN A 20 -36.47 9.46 17.53
CA GLN A 20 -35.75 8.77 16.45
C GLN A 20 -34.55 9.61 15.98
N ILE A 21 -34.74 10.94 15.83
CA ILE A 21 -33.70 11.88 15.42
C ILE A 21 -32.66 12.02 16.55
N ASP A 22 -33.12 11.96 17.82
CA ASP A 22 -32.22 12.01 18.98
C ASP A 22 -31.35 10.75 19.02
N SER A 23 -31.95 9.58 18.75
CA SER A 23 -31.26 8.28 18.73
C SER A 23 -30.32 8.12 17.53
N ASN A 24 -30.66 8.75 16.39
CA ASN A 24 -29.86 8.72 15.16
C ASN A 24 -30.02 10.06 14.42
N PRO A 25 -29.09 11.02 14.61
CA PRO A 25 -29.20 12.31 13.91
C PRO A 25 -28.90 12.22 12.42
N PHE A 26 -28.24 11.12 12.01
CA PHE A 26 -27.82 10.84 10.64
C PHE A 26 -28.97 10.34 9.75
N ILE A 27 -30.19 10.18 10.32
CA ILE A 27 -31.38 9.75 9.59
C ILE A 27 -31.83 10.83 8.60
N THR A 28 -32.34 10.43 7.43
CA THR A 28 -32.84 11.36 6.41
C THR A 28 -34.34 11.52 6.56
N ASP A 29 -34.91 12.58 5.94
CA ASP A 29 -36.36 12.82 5.96
C ASP A 29 -37.08 11.71 5.17
N HIS A 30 -36.40 11.18 4.14
CA HIS A 30 -36.90 10.08 3.31
C HIS A 30 -37.03 8.80 4.13
N GLU A 31 -36.04 8.49 4.98
CA GLU A 31 -36.00 7.32 5.86
C GLU A 31 -37.10 7.39 6.92
N LEU A 32 -37.38 8.61 7.41
CA LEU A 32 -38.42 8.88 8.40
C LEU A 32 -39.80 8.73 7.75
N SER A 33 -39.95 9.19 6.48
CA SER A 33 -41.21 9.10 5.72
C SER A 33 -41.63 7.63 5.51
N ASP A 34 -40.64 6.74 5.23
CA ASP A 34 -40.88 5.30 5.06
C ASP A 34 -41.18 4.62 6.39
N LEU A 35 -40.40 4.96 7.45
CA LEU A 35 -40.56 4.40 8.79
C LEU A 35 -41.91 4.74 9.41
N PHE A 36 -42.37 5.99 9.25
CA PHE A 36 -43.61 6.47 9.85
C PHE A 36 -44.83 6.39 8.93
N GLN A 37 -44.64 5.93 7.67
CA GLN A 37 -45.67 5.78 6.63
C GLN A 37 -46.49 7.07 6.47
N VAL A 38 -45.76 8.17 6.30
CA VAL A 38 -46.29 9.52 6.17
C VAL A 38 -45.49 10.22 5.04
N SER A 39 -46.01 11.32 4.47
CA SER A 39 -45.34 12.04 3.39
C SER A 39 -44.11 12.80 3.88
N ILE A 40 -43.17 13.10 2.96
CA ILE A 40 -41.96 13.86 3.26
C ILE A 40 -42.29 15.30 3.71
N GLN A 41 -43.37 15.88 3.13
CA GLN A 41 -43.90 17.22 3.43
C GLN A 41 -44.34 17.30 4.90
N THR A 42 -44.93 16.20 5.41
CA THR A 42 -45.38 16.05 6.78
C THR A 42 -44.15 16.02 7.70
N ILE A 43 -43.14 15.17 7.38
CA ILE A 43 -41.87 15.05 8.10
C ILE A 43 -41.21 16.42 8.24
N ARG A 44 -41.20 17.20 7.15
CA ARG A 44 -40.65 18.56 7.08
C ARG A 44 -41.41 19.50 8.02
N LEU A 45 -42.76 19.37 8.07
CA LEU A 45 -43.62 20.16 8.96
C LEU A 45 -43.40 19.77 10.42
N ASP A 46 -43.18 18.46 10.67
CA ASP A 46 -42.96 17.91 12.02
C ASP A 46 -41.67 18.44 12.62
N ARG A 47 -40.55 18.35 11.87
CA ARG A 47 -39.25 18.84 12.30
C ARG A 47 -39.31 20.35 12.57
N THR A 48 -40.08 21.09 11.76
CA THR A 48 -40.27 22.54 11.89
C THR A 48 -40.89 22.88 13.25
N TYR A 49 -42.01 22.20 13.58
CA TYR A 49 -42.71 22.41 14.85
C TYR A 49 -41.86 21.96 16.04
N LEU A 50 -41.08 20.87 15.88
CA LEU A 50 -40.19 20.32 16.92
C LEU A 50 -38.85 21.06 16.99
N ASN A 51 -38.66 22.09 16.12
CA ASN A 51 -37.46 22.92 15.99
C ASN A 51 -36.17 22.12 15.76
N ILE A 52 -36.30 21.02 14.99
CA ILE A 52 -35.22 20.12 14.60
C ILE A 52 -34.69 20.63 13.26
N PRO A 53 -33.38 20.93 13.13
CA PRO A 53 -32.86 21.38 11.83
C PRO A 53 -32.71 20.22 10.85
N GLU A 54 -32.40 20.52 9.58
CA GLU A 54 -32.21 19.51 8.55
C GLU A 54 -30.95 18.66 8.81
N LEU A 55 -30.89 17.46 8.19
CA LEU A 55 -29.79 16.50 8.30
C LEU A 55 -28.41 17.12 8.30
N ARG A 56 -28.10 17.89 7.24
CA ARG A 56 -26.82 18.55 7.06
C ARG A 56 -26.47 19.49 8.21
N LYS A 57 -27.47 20.19 8.75
CA LYS A 57 -27.28 21.10 9.88
C LYS A 57 -27.04 20.30 11.16
N ARG A 58 -27.73 19.15 11.32
CA ARG A 58 -27.62 18.24 12.47
C ARG A 58 -26.23 17.60 12.51
N ILE A 59 -25.74 17.08 11.34
CA ILE A 59 -24.42 16.46 11.21
C ILE A 59 -23.31 17.48 11.51
N LYS A 60 -23.49 18.75 11.06
CA LYS A 60 -22.52 19.82 11.28
C LYS A 60 -22.35 20.09 12.77
N LEU A 61 -23.48 20.21 13.51
CA LEU A 61 -23.48 20.46 14.95
C LEU A 61 -22.79 19.34 15.74
N VAL A 62 -22.92 18.07 15.28
CA VAL A 62 -22.28 16.90 15.90
C VAL A 62 -20.77 17.03 15.70
N ALA A 63 -20.34 17.35 14.46
CA ALA A 63 -18.95 17.53 14.07
C ALA A 63 -18.30 18.73 14.80
N GLU A 64 -19.02 19.86 14.88
CA GLU A 64 -18.57 21.10 15.52
C GLU A 64 -18.32 20.95 17.01
N LYS A 65 -19.16 20.14 17.71
CA LYS A 65 -19.04 19.91 19.16
C LYS A 65 -17.70 19.31 19.53
N ASN A 66 -17.30 18.18 18.93
CA ASN A 66 -15.99 17.62 19.24
C ASN A 66 -15.01 18.03 18.14
N TYR A 67 -14.64 19.33 18.20
CA TYR A 67 -13.72 20.08 17.34
C TYR A 67 -13.34 21.38 18.09
N ASP A 68 -12.43 22.20 17.50
CA ASP A 68 -11.93 23.49 17.99
C ASP A 68 -11.20 23.34 19.33
N GLN A 69 -10.14 22.52 19.33
CA GLN A 69 -9.36 22.25 20.54
C GLN A 69 -8.16 23.17 20.77
N ILE A 70 -8.13 23.81 21.97
CA ILE A 70 -7.04 24.69 22.39
C ILE A 70 -5.84 23.87 22.87
N SER A 71 -4.62 24.41 22.71
CA SER A 71 -3.37 23.73 23.09
C SER A 71 -3.31 23.32 24.56
N SER A 72 -2.93 22.06 24.80
CA SER A 72 -2.81 21.46 26.14
C SER A 72 -1.66 22.10 26.89
N ILE A 73 -1.78 22.17 28.23
CA ILE A 73 -0.83 22.80 29.14
C ILE A 73 0.66 22.63 28.78
N GLU A 74 1.06 21.46 28.25
CA GLU A 74 2.44 21.18 27.88
C GLU A 74 2.92 21.96 26.65
N GLU A 75 1.97 22.53 25.90
CA GLU A 75 2.22 23.33 24.71
C GLU A 75 2.03 24.84 24.97
N GLN A 76 1.83 25.23 26.25
CA GLN A 76 1.64 26.61 26.72
C GLN A 76 2.91 27.16 27.39
N GLU A 77 3.27 28.42 27.08
CA GLU A 77 4.45 29.13 27.64
C GLU A 77 4.14 29.64 29.06
N PHE A 78 3.66 30.90 29.21
CA PHE A 78 3.31 31.36 30.56
C PHE A 78 1.89 30.94 30.92
N ILE A 79 1.77 30.14 31.99
CA ILE A 79 0.48 29.68 32.50
C ILE A 79 -0.03 30.72 33.50
N GLY A 80 -1.21 31.26 33.20
CA GLY A 80 -1.85 32.29 33.99
C GLY A 80 -1.57 33.67 33.46
N ASP A 81 -1.96 34.68 34.23
CA ASP A 81 -1.76 36.09 33.89
C ASP A 81 -0.86 36.67 34.96
N LEU A 82 0.29 37.21 34.55
CA LEU A 82 1.24 37.79 35.47
C LEU A 82 0.74 39.16 35.95
N ILE A 83 0.47 39.25 37.27
CA ILE A 83 -0.06 40.46 37.94
C ILE A 83 1.06 41.44 38.29
N GLN A 84 1.99 41.00 39.16
CA GLN A 84 3.04 41.84 39.73
C GLN A 84 4.34 41.06 39.79
N VAL A 85 5.48 41.75 39.53
CA VAL A 85 6.82 41.17 39.58
C VAL A 85 7.82 42.14 40.21
N ASN A 86 8.55 41.66 41.24
CA ASN A 86 9.64 42.35 41.90
C ASN A 86 10.82 41.40 41.62
N PRO A 87 11.66 41.70 40.59
CA PRO A 87 12.72 40.76 40.21
C PRO A 87 13.56 40.18 41.33
N ASN A 88 13.59 38.83 41.39
CA ASN A 88 14.30 38.01 42.37
C ASN A 88 13.83 38.25 43.83
N VAL A 89 12.59 38.77 44.00
CA VAL A 89 12.02 39.06 45.33
C VAL A 89 10.65 38.37 45.52
N LYS A 90 9.58 38.93 44.93
CA LYS A 90 8.21 38.43 45.03
C LYS A 90 7.46 38.67 43.71
N ALA A 91 6.61 37.70 43.32
CA ALA A 91 5.81 37.77 42.11
C ALA A 91 4.43 37.14 42.31
N GLN A 92 3.43 37.68 41.60
CA GLN A 92 2.05 37.19 41.68
C GLN A 92 1.44 36.98 40.31
N SER A 93 0.66 35.89 40.17
CA SER A 93 -0.05 35.58 38.93
C SER A 93 -1.47 35.10 39.20
N ILE A 94 -2.38 35.36 38.27
CA ILE A 94 -3.78 34.96 38.39
C ILE A 94 -4.19 33.93 37.34
N LEU A 95 -4.96 32.90 37.74
CA LEU A 95 -5.41 31.89 36.81
C LEU A 95 -6.89 31.58 36.99
N ASP A 96 -7.71 31.93 35.98
CA ASP A 96 -9.14 31.64 36.00
C ASP A 96 -9.33 30.20 35.55
N ILE A 97 -9.91 29.37 36.43
CA ILE A 97 -10.13 27.96 36.15
C ILE A 97 -11.30 27.78 35.21
N THR A 98 -10.99 27.52 33.94
CA THR A 98 -11.93 27.29 32.85
C THR A 98 -12.24 25.80 32.72
N SER A 99 -13.23 25.45 31.88
CA SER A 99 -13.66 24.08 31.60
C SER A 99 -12.51 23.20 31.06
N ASP A 100 -11.51 23.84 30.44
CA ASP A 100 -10.33 23.19 29.87
C ASP A 100 -9.32 22.75 30.92
N SER A 101 -9.41 23.31 32.14
CA SER A 101 -8.51 23.03 33.24
C SER A 101 -9.03 21.98 34.24
N VAL A 102 -10.35 21.74 34.25
CA VAL A 102 -11.02 20.79 35.14
C VAL A 102 -11.29 19.41 34.52
N PHE A 103 -11.43 18.39 35.38
CA PHE A 103 -11.81 17.03 34.97
C PHE A 103 -13.31 17.11 34.70
N HIS A 104 -13.70 16.84 33.45
CA HIS A 104 -15.07 16.91 32.94
C HIS A 104 -16.14 16.37 33.89
N LYS A 105 -15.91 15.17 34.45
CA LYS A 105 -16.84 14.48 35.34
C LYS A 105 -16.96 15.07 36.76
N THR A 106 -15.82 15.39 37.40
CA THR A 106 -15.78 15.94 38.77
C THR A 106 -15.91 17.46 38.86
N GLY A 107 -15.33 18.17 37.90
CA GLY A 107 -15.32 19.63 37.87
C GLY A 107 -14.21 20.23 38.70
N ILE A 108 -13.21 19.40 39.07
CA ILE A 108 -12.04 19.78 39.86
C ILE A 108 -10.85 19.93 38.93
N ALA A 109 -10.04 21.00 39.14
CA ALA A 109 -8.84 21.30 38.36
C ALA A 109 -7.83 20.16 38.43
N ARG A 110 -7.19 19.88 37.29
CA ARG A 110 -6.18 18.83 37.18
C ARG A 110 -4.91 19.25 37.92
N GLY A 111 -4.23 18.29 38.53
CA GLY A 111 -3.02 18.50 39.31
C GLY A 111 -1.95 19.37 38.64
N HIS A 112 -1.64 19.04 37.38
CA HIS A 112 -0.63 19.73 36.58
C HIS A 112 -0.97 21.16 36.22
N VAL A 113 -2.26 21.53 36.26
CA VAL A 113 -2.73 22.90 35.98
C VAL A 113 -2.17 23.88 37.02
N LEU A 114 -2.32 23.57 38.32
CA LEU A 114 -1.84 24.42 39.40
C LEU A 114 -0.33 24.45 39.50
N PHE A 115 0.34 23.33 39.18
CA PHE A 115 1.81 23.27 39.19
C PHE A 115 2.35 24.12 38.06
N ALA A 116 1.68 24.10 36.88
CA ALA A 116 2.06 24.87 35.70
C ALA A 116 2.09 26.36 35.99
N GLN A 117 1.07 26.87 36.71
CA GLN A 117 0.97 28.28 37.09
C GLN A 117 2.11 28.62 38.06
N ALA A 118 2.38 27.74 39.04
CA ALA A 118 3.43 27.89 40.05
C ALA A 118 4.82 27.93 39.41
N ASN A 119 5.13 26.93 38.57
CA ASN A 119 6.41 26.82 37.87
C ASN A 119 6.64 28.05 36.98
N SER A 120 5.62 28.44 36.17
CA SER A 120 5.67 29.59 35.28
C SER A 120 6.01 30.86 36.03
N LEU A 121 5.40 31.05 37.23
CA LEU A 121 5.60 32.20 38.11
C LEU A 121 7.03 32.29 38.59
N CYS A 122 7.68 31.14 38.88
CA CYS A 122 9.06 31.05 39.34
C CYS A 122 10.04 31.51 38.27
N VAL A 123 9.84 31.08 37.01
CA VAL A 123 10.68 31.45 35.86
C VAL A 123 10.58 32.97 35.62
N ALA A 124 9.37 33.53 35.81
CA ALA A 124 9.09 34.95 35.65
C ALA A 124 9.73 35.76 36.79
N LEU A 125 9.71 35.21 38.01
CA LEU A 125 10.25 35.84 39.21
C LEU A 125 11.77 36.02 39.14
N ILE A 126 12.50 34.99 38.70
CA ILE A 126 13.96 35.05 38.61
C ILE A 126 14.43 35.76 37.32
N LYS A 127 15.02 36.95 37.50
CA LYS A 127 15.56 37.80 36.43
C LYS A 127 17.02 37.41 36.20
N GLN A 128 17.22 36.31 35.44
CA GLN A 128 18.52 35.75 35.08
C GLN A 128 18.48 35.25 33.63
N PRO A 129 19.62 35.20 32.88
CA PRO A 129 19.57 34.71 31.49
C PRO A 129 18.97 33.31 31.33
N THR A 130 19.51 32.34 32.08
CA THR A 130 19.05 30.94 32.05
C THR A 130 18.50 30.51 33.41
N VAL A 131 17.21 30.13 33.44
CA VAL A 131 16.48 29.70 34.63
C VAL A 131 15.83 28.34 34.33
N LEU A 132 16.12 27.32 35.15
CA LEU A 132 15.59 25.96 34.98
C LEU A 132 15.19 25.36 36.33
N THR A 133 14.03 24.70 36.38
CA THR A 133 13.55 24.03 37.60
C THR A 133 14.35 22.75 37.77
N HIS A 134 14.95 22.57 38.95
CA HIS A 134 15.76 21.40 39.27
C HIS A 134 15.03 20.43 40.18
N GLU A 135 14.32 20.95 41.19
CA GLU A 135 13.54 20.17 42.15
C GLU A 135 12.30 20.94 42.54
N SER A 136 11.25 20.22 42.97
CA SER A 136 9.99 20.79 43.44
C SER A 136 9.23 19.84 44.36
N SER A 137 8.73 20.37 45.48
CA SER A 137 7.93 19.66 46.47
C SER A 137 6.63 20.43 46.57
N ILE A 138 5.53 19.80 46.11
CA ILE A 138 4.22 20.44 46.05
C ILE A 138 3.12 19.75 46.87
N GLN A 139 2.11 20.52 47.29
CA GLN A 139 0.98 20.06 48.10
C GLN A 139 -0.33 20.65 47.60
N PHE A 140 -1.36 19.80 47.44
CA PHE A 140 -2.70 20.21 47.00
C PHE A 140 -3.65 20.20 48.20
N ILE A 141 -3.60 21.29 48.98
CA ILE A 141 -4.36 21.51 50.23
C ILE A 141 -5.87 21.37 50.06
N GLU A 142 -6.47 22.13 49.13
CA GLU A 142 -7.90 22.08 48.87
C GLU A 142 -8.19 21.81 47.40
N LYS A 143 -9.41 21.33 47.10
CA LYS A 143 -9.84 21.05 45.72
C LYS A 143 -10.19 22.36 45.02
N VAL A 144 -9.48 22.66 43.92
CA VAL A 144 -9.76 23.85 43.11
C VAL A 144 -10.82 23.44 42.11
N LYS A 145 -12.00 24.07 42.19
CA LYS A 145 -13.10 23.74 41.30
C LYS A 145 -13.26 24.71 40.12
N LEU A 146 -14.18 24.40 39.19
CA LEU A 146 -14.49 25.18 38.02
C LEU A 146 -14.98 26.59 38.42
N ASN A 147 -14.57 27.61 37.64
CA ASN A 147 -14.89 29.04 37.81
C ASN A 147 -14.13 29.77 38.94
N ASP A 148 -13.26 29.04 39.68
CA ASP A 148 -12.43 29.64 40.73
C ASP A 148 -11.28 30.39 40.08
N THR A 149 -10.79 31.44 40.74
CA THR A 149 -9.64 32.20 40.25
C THR A 149 -8.50 31.98 41.24
N VAL A 150 -7.42 31.33 40.78
CA VAL A 150 -6.28 31.00 41.62
C VAL A 150 -5.26 32.14 41.65
N ARG A 151 -5.03 32.69 42.84
CA ARG A 151 -4.07 33.76 43.08
C ARG A 151 -2.79 33.14 43.62
N ALA A 152 -1.79 32.95 42.75
CA ALA A 152 -0.52 32.36 43.15
C ALA A 152 0.50 33.43 43.46
N GLU A 153 1.18 33.29 44.60
CA GLU A 153 2.24 34.22 44.99
C GLU A 153 3.53 33.49 45.30
N ALA A 154 4.61 33.86 44.60
CA ALA A 154 5.94 33.26 44.75
C ALA A 154 6.89 34.23 45.40
N ARG A 155 7.68 33.73 46.37
CA ARG A 155 8.67 34.52 47.12
C ARG A 155 10.01 33.80 47.16
N VAL A 156 11.10 34.54 46.92
CA VAL A 156 12.46 33.99 46.99
C VAL A 156 12.82 33.89 48.47
N VAL A 157 13.04 32.67 48.96
CA VAL A 157 13.35 32.42 50.38
C VAL A 157 14.87 32.31 50.61
N ASN A 158 15.60 31.76 49.62
CA ASN A 158 17.06 31.62 49.66
C ASN A 158 17.66 31.69 48.26
N GLN A 159 18.97 31.96 48.18
CA GLN A 159 19.72 32.05 46.93
C GLN A 159 21.17 31.65 47.15
N THR A 160 21.60 30.57 46.48
CA THR A 160 22.98 30.08 46.51
C THR A 160 23.69 30.59 45.25
N ALA A 161 24.92 30.10 44.97
CA ALA A 161 25.67 30.52 43.79
C ALA A 161 25.11 29.89 42.51
N LYS A 162 24.46 28.73 42.65
CA LYS A 162 23.89 27.97 41.53
C LYS A 162 22.37 27.85 41.56
N HIS A 163 21.71 28.13 42.72
CA HIS A 163 20.26 27.99 42.85
C HIS A 163 19.53 29.16 43.51
N TYR A 164 18.21 29.21 43.27
CA TYR A 164 17.24 30.15 43.84
C TYR A 164 16.16 29.30 44.49
N TYR A 165 15.89 29.52 45.78
CA TYR A 165 14.88 28.75 46.49
C TYR A 165 13.60 29.58 46.61
N VAL A 166 12.52 29.09 46.00
CA VAL A 166 11.23 29.80 45.92
C VAL A 166 10.10 29.05 46.63
N GLU A 167 9.27 29.78 47.38
CA GLU A 167 8.08 29.26 48.04
C GLU A 167 6.86 29.86 47.36
N VAL A 168 5.98 28.99 46.85
CA VAL A 168 4.74 29.39 46.16
C VAL A 168 3.54 29.03 47.03
N LYS A 169 2.62 29.98 47.17
CA LYS A 169 1.39 29.82 47.93
C LYS A 169 0.24 30.30 47.05
N SER A 170 -0.63 29.37 46.65
CA SER A 170 -1.76 29.69 45.79
C SER A 170 -3.05 29.69 46.61
N TYR A 171 -3.91 30.70 46.37
CA TYR A 171 -5.15 30.91 47.10
C TYR A 171 -6.36 31.08 46.20
N VAL A 172 -7.55 30.77 46.73
CA VAL A 172 -8.84 30.96 46.09
C VAL A 172 -9.69 31.67 47.16
N LYS A 173 -9.98 32.95 46.94
CA LYS A 173 -10.58 33.75 47.96
C LYS A 173 -9.40 34.07 48.80
N HIS A 174 -9.56 33.85 50.08
CA HIS A 174 -8.45 33.78 50.99
C HIS A 174 -8.55 32.39 51.52
N THR A 175 -7.99 31.45 50.80
CA THR A 175 -8.04 30.06 51.26
C THR A 175 -6.89 29.34 50.54
N LEU A 176 -5.85 28.93 51.29
CA LEU A 176 -4.69 28.24 50.73
C LEU A 176 -5.13 26.91 50.13
N VAL A 177 -4.94 26.76 48.81
CA VAL A 177 -5.33 25.58 48.05
C VAL A 177 -4.10 24.80 47.56
N PHE A 178 -2.96 25.49 47.43
CA PHE A 178 -1.71 24.92 46.93
C PHE A 178 -0.51 25.56 47.60
N LYS A 179 0.50 24.74 47.87
CA LYS A 179 1.78 25.13 48.46
C LYS A 179 2.86 24.38 47.70
N GLY A 180 3.91 25.11 47.32
CA GLY A 180 5.02 24.54 46.57
C GLY A 180 6.37 25.15 46.92
N ASN A 181 7.39 24.29 46.96
CA ASN A 181 8.77 24.69 47.20
C ASN A 181 9.55 24.39 45.93
N PHE A 182 10.25 25.39 45.40
CA PHE A 182 10.97 25.27 44.13
C PHE A 182 12.46 25.51 44.23
N LYS A 183 13.25 24.65 43.57
CA LYS A 183 14.70 24.74 43.49
C LYS A 183 15.03 25.12 42.05
N MSE A 184 15.22 26.42 41.81
CA MSE A 184 15.47 26.97 40.49
C MSE A 184 16.95 27.16 40.24
O MSE A 184 17.60 27.91 40.97
CB MSE A 184 14.71 28.28 40.29
CG MSE A 184 13.26 28.26 40.77
SE MSE A 184 12.14 27.03 39.77
CE MSE A 184 12.16 27.96 38.02
N PHE A 185 17.50 26.50 39.22
CA PHE A 185 18.89 26.66 38.84
C PHE A 185 19.03 27.94 38.02
N TYR A 186 20.07 28.73 38.27
CA TYR A 186 20.32 29.97 37.55
C TYR A 186 21.76 30.08 37.07
N ASP A 187 21.94 30.70 35.89
CA ASP A 187 23.25 30.91 35.28
C ASP A 187 23.32 32.27 34.60
N LYS A 188 24.39 33.03 34.92
CA LYS A 188 24.69 34.39 34.44
C LYS A 188 25.01 34.44 32.93
N ARG A 189 25.42 33.29 32.35
CA ARG A 189 25.77 33.14 30.94
C ARG A 189 24.56 32.61 30.15
N GLY A 190 23.91 31.63 30.59
N GLU B 4 3.99 38.32 -12.55
CA GLU B 4 2.70 37.87 -12.01
C GLU B 4 2.65 36.34 -11.74
N THR B 5 3.82 35.74 -11.43
CA THR B 5 4.00 34.31 -11.17
C THR B 5 3.25 33.75 -9.96
N LEU B 6 2.75 32.52 -10.13
CA LEU B 6 2.03 31.79 -9.10
C LEU B 6 3.00 30.81 -8.46
N LYS B 7 3.61 31.27 -7.36
CA LYS B 7 4.62 30.62 -6.54
C LYS B 7 4.49 29.10 -6.38
N LEU B 8 3.24 28.58 -6.28
CA LEU B 8 3.00 27.15 -6.11
C LEU B 8 2.66 26.39 -7.38
N LYS B 9 3.50 25.40 -7.73
CA LYS B 9 3.29 24.52 -8.89
C LYS B 9 2.30 23.40 -8.50
N LYS B 10 1.75 22.68 -9.51
CA LYS B 10 0.77 21.59 -9.36
C LYS B 10 0.98 20.69 -8.11
N ASP B 11 2.13 20.02 -8.00
CA ASP B 11 2.43 19.13 -6.87
C ASP B 11 2.53 19.84 -5.52
N LYS B 12 3.20 21.01 -5.48
CA LYS B 12 3.37 21.82 -4.26
C LYS B 12 2.03 22.36 -3.75
N ARG B 13 1.15 22.81 -4.69
CA ARG B 13 -0.18 23.36 -4.38
C ARG B 13 -1.07 22.27 -3.76
N ARG B 14 -1.06 21.08 -4.38
CA ARG B 14 -1.85 19.93 -3.92
C ARG B 14 -1.47 19.52 -2.49
N GLU B 15 -0.17 19.59 -2.14
CA GLU B 15 0.26 19.27 -0.77
C GLU B 15 -0.28 20.32 0.18
N ALA B 16 -0.21 21.59 -0.22
CA ALA B 16 -0.71 22.72 0.58
C ALA B 16 -2.23 22.64 0.75
N ILE B 17 -2.94 22.12 -0.27
CA ILE B 17 -4.38 21.93 -0.24
C ILE B 17 -4.74 20.81 0.73
N ARG B 18 -4.01 19.68 0.62
CA ARG B 18 -4.17 18.49 1.45
C ARG B 18 -4.03 18.88 2.92
N GLN B 19 -2.98 19.64 3.27
CA GLN B 19 -2.68 20.12 4.62
C GLN B 19 -3.74 21.09 5.12
N GLN B 20 -4.28 21.96 4.23
CA GLN B 20 -5.30 22.95 4.57
C GLN B 20 -6.62 22.27 4.93
N ILE B 21 -7.01 21.22 4.16
CA ILE B 21 -8.22 20.44 4.38
C ILE B 21 -8.08 19.61 5.66
N ASP B 22 -6.84 19.12 5.93
CA ASP B 22 -6.55 18.37 7.15
C ASP B 22 -6.67 19.29 8.37
N SER B 23 -6.18 20.53 8.26
CA SER B 23 -6.22 21.52 9.34
C SER B 23 -7.61 22.09 9.58
N ASN B 24 -8.44 22.15 8.51
CA ASN B 24 -9.81 22.66 8.56
C ASN B 24 -10.66 21.90 7.55
N PRO B 25 -11.37 20.82 7.97
CA PRO B 25 -12.19 20.06 7.02
C PRO B 25 -13.46 20.79 6.60
N PHE B 26 -13.84 21.84 7.36
CA PHE B 26 -15.02 22.65 7.13
C PHE B 26 -14.82 23.69 6.01
N ILE B 27 -13.61 23.76 5.42
CA ILE B 27 -13.30 24.68 4.32
C ILE B 27 -14.07 24.29 3.06
N THR B 28 -14.50 25.29 2.27
CA THR B 28 -15.21 25.07 1.00
C THR B 28 -14.22 25.12 -0.15
N ASP B 29 -14.64 24.62 -1.33
CA ASP B 29 -13.80 24.66 -2.53
C ASP B 29 -13.62 26.10 -2.99
N HIS B 30 -14.64 26.95 -2.73
CA HIS B 30 -14.60 28.38 -3.04
C HIS B 30 -13.51 29.09 -2.26
N GLU B 31 -13.41 28.86 -0.94
CA GLU B 31 -12.37 29.50 -0.13
C GLU B 31 -11.00 29.05 -0.61
N LEU B 32 -10.84 27.72 -0.87
CA LEU B 32 -9.57 27.16 -1.34
C LEU B 32 -9.15 27.80 -2.66
N SER B 33 -10.12 28.03 -3.58
CA SER B 33 -9.87 28.67 -4.86
C SER B 33 -9.29 30.07 -4.68
N ASP B 34 -9.87 30.85 -3.73
CA ASP B 34 -9.45 32.20 -3.38
C ASP B 34 -8.09 32.20 -2.69
N LEU B 35 -7.88 31.28 -1.73
CA LEU B 35 -6.63 31.15 -0.98
C LEU B 35 -5.45 30.81 -1.87
N PHE B 36 -5.66 29.88 -2.81
CA PHE B 36 -4.61 29.41 -3.70
C PHE B 36 -4.52 30.13 -5.04
N GLN B 37 -5.43 31.09 -5.30
CA GLN B 37 -5.50 31.88 -6.53
C GLN B 37 -5.48 31.00 -7.78
N VAL B 38 -6.37 30.01 -7.77
CA VAL B 38 -6.64 29.15 -8.93
C VAL B 38 -8.12 28.97 -9.06
N SER B 39 -8.56 28.33 -10.14
CA SER B 39 -9.99 28.16 -10.42
C SER B 39 -10.59 27.08 -9.54
N ILE B 40 -11.90 27.22 -9.21
CA ILE B 40 -12.62 26.22 -8.41
C ILE B 40 -12.48 24.82 -9.04
N GLN B 41 -12.41 24.76 -10.38
CA GLN B 41 -12.26 23.53 -11.15
C GLN B 41 -10.95 22.86 -10.84
N THR B 42 -9.85 23.66 -10.75
CA THR B 42 -8.54 23.12 -10.36
C THR B 42 -8.63 22.52 -8.96
N ILE B 43 -9.31 23.22 -8.01
CA ILE B 43 -9.53 22.75 -6.64
C ILE B 43 -10.22 21.38 -6.63
N ARG B 44 -11.30 21.22 -7.41
CA ARG B 44 -12.06 19.97 -7.50
C ARG B 44 -11.20 18.86 -8.07
N LEU B 45 -10.34 19.21 -9.07
CA LEU B 45 -9.40 18.27 -9.69
C LEU B 45 -8.35 17.83 -8.68
N ASP B 46 -7.88 18.77 -7.84
CA ASP B 46 -6.87 18.53 -6.83
C ASP B 46 -7.37 17.57 -5.76
N ARG B 47 -8.59 17.80 -5.21
CA ARG B 47 -9.22 16.93 -4.21
C ARG B 47 -9.44 15.53 -4.78
N THR B 48 -9.81 15.45 -6.07
CA THR B 48 -10.05 14.19 -6.77
C THR B 48 -8.78 13.33 -6.78
N TYR B 49 -7.65 13.91 -7.21
CA TYR B 49 -6.37 13.24 -7.29
C TYR B 49 -5.86 12.88 -5.89
N LEU B 50 -6.10 13.76 -4.90
CA LEU B 50 -5.68 13.57 -3.50
C LEU B 50 -6.65 12.66 -2.72
N ASN B 51 -7.72 12.19 -3.40
CA ASN B 51 -8.76 11.33 -2.83
C ASN B 51 -9.44 11.90 -1.58
N ILE B 52 -9.60 13.24 -1.58
CA ILE B 52 -10.27 14.01 -0.55
C ILE B 52 -11.74 14.13 -0.96
N PRO B 53 -12.69 13.69 -0.11
CA PRO B 53 -14.11 13.81 -0.47
C PRO B 53 -14.60 15.25 -0.33
N GLU B 54 -15.82 15.53 -0.82
CA GLU B 54 -16.43 16.85 -0.72
C GLU B 54 -16.73 17.24 0.73
N LEU B 55 -16.88 18.56 0.98
CA LEU B 55 -17.16 19.18 2.27
C LEU B 55 -18.16 18.41 3.12
N ARG B 56 -19.35 18.15 2.57
CA ARG B 56 -20.44 17.45 3.26
C ARG B 56 -20.04 16.04 3.70
N LYS B 57 -19.22 15.36 2.88
CA LYS B 57 -18.74 14.02 3.21
C LYS B 57 -17.66 14.10 4.29
N ARG B 58 -16.84 15.16 4.28
CA ARG B 58 -15.79 15.38 5.28
C ARG B 58 -16.43 15.66 6.63
N ILE B 59 -17.43 16.60 6.68
CA ILE B 59 -18.17 16.97 7.90
C ILE B 59 -18.85 15.73 8.50
N LYS B 60 -19.39 14.83 7.65
CA LYS B 60 -20.04 13.59 8.10
C LYS B 60 -19.05 12.70 8.82
N LEU B 61 -17.84 12.49 8.25
CA LEU B 61 -16.77 11.69 8.84
C LEU B 61 -16.32 12.22 10.22
N VAL B 62 -16.30 13.56 10.37
CA VAL B 62 -15.93 14.22 11.63
C VAL B 62 -17.02 13.95 12.67
N ALA B 63 -18.30 14.07 12.26
CA ALA B 63 -19.48 13.82 13.10
C ALA B 63 -19.57 12.34 13.50
N GLU B 64 -19.32 11.41 12.55
CA GLU B 64 -19.38 9.97 12.75
C GLU B 64 -18.33 9.47 13.76
N LYS B 65 -17.12 10.07 13.75
CA LYS B 65 -16.04 9.71 14.69
C LYS B 65 -16.45 10.07 16.11
N ASN B 66 -17.04 11.29 16.25
CA ASN B 66 -17.57 11.87 17.48
C ASN B 66 -18.80 11.10 17.99
N TYR B 67 -19.70 10.68 17.07
CA TYR B 67 -20.90 9.94 17.44
C TYR B 67 -20.60 8.51 17.89
N ASP B 68 -19.75 7.77 17.15
CA ASP B 68 -19.34 6.40 17.47
C ASP B 68 -18.45 6.32 18.74
N GLN B 69 -18.28 7.46 19.44
CA GLN B 69 -17.49 7.63 20.66
C GLN B 69 -16.01 7.19 20.52
N ILE B 70 -15.43 7.41 19.31
CA ILE B 70 -14.03 7.13 19.00
C ILE B 70 -13.22 8.24 19.68
N SER B 71 -12.30 7.84 20.60
CA SER B 71 -11.47 8.68 21.46
C SER B 71 -12.33 9.31 22.59
N SER B 72 -12.20 8.76 23.80
CA SER B 72 -12.92 9.17 25.01
C SER B 72 -12.48 10.56 25.51
N ILE B 73 -13.27 11.15 26.43
CA ILE B 73 -12.99 12.45 27.05
C ILE B 73 -11.68 12.35 27.86
N GLU B 74 -11.49 11.20 28.58
CA GLU B 74 -10.30 10.88 29.38
C GLU B 74 -9.02 10.90 28.51
N GLU B 75 -9.11 10.35 27.29
CA GLU B 75 -8.05 10.25 26.29
C GLU B 75 -7.64 11.62 25.71
N GLN B 76 -8.58 12.59 25.72
CA GLN B 76 -8.38 13.94 25.19
C GLN B 76 -7.74 14.90 26.21
N GLU B 77 -8.01 14.70 27.52
CA GLU B 77 -7.52 15.50 28.65
C GLU B 77 -6.13 15.03 29.17
N PHE B 78 -5.53 14.04 28.47
CA PHE B 78 -4.29 13.36 28.82
C PHE B 78 -3.05 13.94 28.15
N ILE B 79 -1.98 14.21 28.95
CA ILE B 79 -0.71 14.72 28.43
C ILE B 79 0.16 13.55 28.01
N GLY B 80 0.51 13.52 26.73
CA GLY B 80 1.29 12.44 26.14
C GLY B 80 0.42 11.40 25.48
N ASP B 81 1.03 10.27 25.09
CA ASP B 81 0.34 9.15 24.46
C ASP B 81 0.47 7.96 25.38
N LEU B 82 -0.67 7.41 25.83
CA LEU B 82 -0.67 6.25 26.73
C LEU B 82 -0.36 4.99 25.91
N ILE B 83 0.73 4.30 26.28
CA ILE B 83 1.22 3.13 25.58
C ILE B 83 0.76 1.81 26.20
N GLN B 84 0.92 1.67 27.53
CA GLN B 84 0.59 0.44 28.25
C GLN B 84 0.12 0.76 29.66
N VAL B 85 -0.92 0.04 30.13
CA VAL B 85 -1.52 0.19 31.46
C VAL B 85 -1.84 -1.17 32.07
N ASN B 86 -1.38 -1.39 33.30
CA ASN B 86 -1.68 -2.54 34.14
C ASN B 86 -2.37 -1.88 35.33
N PRO B 87 -3.73 -1.89 35.39
CA PRO B 87 -4.46 -1.15 36.44
C PRO B 87 -3.94 -1.33 37.86
N ASN B 88 -3.61 -0.19 38.50
CA ASN B 88 -3.10 -0.09 39.87
C ASN B 88 -1.75 -0.83 40.06
N VAL B 89 -0.99 -1.07 38.96
CA VAL B 89 0.31 -1.76 39.00
C VAL B 89 1.42 -0.92 38.35
N LYS B 90 1.47 -0.88 37.01
CA LYS B 90 2.49 -0.17 36.23
C LYS B 90 1.85 0.38 34.95
N ALA B 91 2.28 1.59 34.53
CA ALA B 91 1.81 2.25 33.32
C ALA B 91 2.93 3.04 32.63
N GLN B 92 2.87 3.19 31.29
CA GLN B 92 3.84 3.95 30.52
C GLN B 92 3.18 4.82 29.45
N SER B 93 3.56 6.11 29.43
CA SER B 93 3.14 7.12 28.46
C SER B 93 4.34 7.71 27.74
N ILE B 94 4.12 8.17 26.54
CA ILE B 94 5.14 8.74 25.67
C ILE B 94 4.85 10.21 25.40
N LEU B 95 5.91 11.02 25.25
CA LEU B 95 5.70 12.43 24.94
C LEU B 95 6.78 12.97 24.05
N ASP B 96 6.41 13.31 22.82
CA ASP B 96 7.36 13.89 21.89
C ASP B 96 7.49 15.38 22.19
N ILE B 97 8.72 15.83 22.42
CA ILE B 97 9.00 17.23 22.75
C ILE B 97 9.06 18.09 21.48
N THR B 98 7.98 18.84 21.24
CA THR B 98 7.81 19.75 20.10
C THR B 98 8.28 21.15 20.47
N SER B 99 8.35 22.06 19.47
CA SER B 99 8.77 23.46 19.64
C SER B 99 7.90 24.23 20.63
N ASP B 100 6.66 23.77 20.83
CA ASP B 100 5.68 24.36 21.74
C ASP B 100 5.95 24.03 23.20
N SER B 101 6.75 22.97 23.46
CA SER B 101 7.09 22.51 24.81
C SER B 101 8.41 23.06 25.35
N VAL B 102 9.30 23.53 24.44
CA VAL B 102 10.64 24.06 24.78
C VAL B 102 10.69 25.58 24.90
N PHE B 103 11.67 26.10 25.68
CA PHE B 103 11.95 27.53 25.82
C PHE B 103 12.64 27.94 24.51
N HIS B 104 12.06 28.89 23.79
CA HIS B 104 12.53 29.35 22.48
C HIS B 104 14.01 29.72 22.38
N LYS B 105 14.55 30.36 23.42
CA LYS B 105 15.95 30.76 23.48
C LYS B 105 16.91 29.58 23.66
N THR B 106 16.63 28.70 24.64
CA THR B 106 17.49 27.56 25.01
C THR B 106 17.25 26.26 24.27
N GLY B 107 15.99 25.96 23.97
CA GLY B 107 15.59 24.72 23.29
C GLY B 107 15.38 23.58 24.26
N ILE B 108 15.25 23.91 25.57
CA ILE B 108 15.05 22.96 26.67
C ILE B 108 13.57 22.99 27.07
N ALA B 109 12.97 21.81 27.31
CA ALA B 109 11.58 21.64 27.72
C ALA B 109 11.29 22.34 29.03
N ARG B 110 10.11 22.97 29.12
CA ARG B 110 9.66 23.67 30.32
C ARG B 110 9.31 22.68 31.44
N GLY B 111 9.56 23.09 32.68
CA GLY B 111 9.35 22.27 33.87
C GLY B 111 8.01 21.57 33.96
N HIS B 112 6.93 22.34 33.73
CA HIS B 112 5.55 21.86 33.79
C HIS B 112 5.19 20.82 32.74
N VAL B 113 5.94 20.78 31.61
CA VAL B 113 5.71 19.84 30.51
C VAL B 113 5.88 18.40 31.01
N LEU B 114 7.02 18.12 31.66
CA LEU B 114 7.35 16.79 32.16
C LEU B 114 6.51 16.37 33.34
N PHE B 115 6.12 17.35 34.20
CA PHE B 115 5.26 17.07 35.35
C PHE B 115 3.86 16.69 34.86
N ALA B 116 3.37 17.40 33.82
CA ALA B 116 2.05 17.18 33.22
C ALA B 116 1.89 15.74 32.72
N GLN B 117 2.92 15.22 32.03
CA GLN B 117 2.94 13.87 31.52
C GLN B 117 2.92 12.87 32.68
N ALA B 118 3.73 13.14 33.73
CA ALA B 118 3.85 12.32 34.93
C ALA B 118 2.54 12.24 35.68
N ASN B 119 1.93 13.40 35.98
CA ASN B 119 0.65 13.49 36.69
C ASN B 119 -0.46 12.77 35.93
N SER B 120 -0.56 13.02 34.59
CA SER B 120 -1.55 12.40 33.71
C SER B 120 -1.45 10.88 33.78
N LEU B 121 -0.21 10.34 33.76
CA LEU B 121 0.09 8.92 33.80
C LEU B 121 -0.41 8.28 35.09
N CYS B 122 -0.30 9.00 36.23
CA CYS B 122 -0.75 8.55 37.54
C CYS B 122 -2.26 8.39 37.61
N VAL B 123 -3.01 9.36 37.08
CA VAL B 123 -4.48 9.34 37.03
C VAL B 123 -4.96 8.15 36.17
N ALA B 124 -4.22 7.86 35.08
CA ALA B 124 -4.50 6.76 34.16
C ALA B 124 -4.18 5.42 34.81
N LEU B 125 -3.10 5.38 35.62
CA LEU B 125 -2.63 4.17 36.30
C LEU B 125 -3.63 3.67 37.34
N ILE B 126 -4.18 4.58 38.17
CA ILE B 126 -5.13 4.23 39.22
C ILE B 126 -6.55 4.06 38.69
N LYS B 127 -7.03 2.80 38.70
CA LYS B 127 -8.37 2.42 38.24
C LYS B 127 -9.33 2.49 39.43
N GLN B 128 -9.78 3.73 39.74
CA GLN B 128 -10.70 4.05 40.83
C GLN B 128 -11.70 5.13 40.38
N PRO B 129 -12.93 5.22 40.95
CA PRO B 129 -13.88 6.26 40.50
C PRO B 129 -13.33 7.69 40.60
N THR B 130 -12.84 8.07 41.79
CA THR B 130 -12.27 9.40 42.04
C THR B 130 -10.80 9.31 42.41
N VAL B 131 -9.93 9.94 41.59
CA VAL B 131 -8.48 9.98 41.76
C VAL B 131 -8.02 11.44 41.72
N LEU B 132 -7.31 11.89 42.77
CA LEU B 132 -6.81 13.27 42.89
C LEU B 132 -5.40 13.30 43.45
N THR B 133 -4.52 14.14 42.87
CA THR B 133 -3.14 14.30 43.34
C THR B 133 -3.18 15.14 44.60
N HIS B 134 -2.58 14.62 45.69
CA HIS B 134 -2.54 15.29 46.99
C HIS B 134 -1.18 15.91 47.27
N GLU B 135 -0.10 15.18 46.94
CA GLU B 135 1.28 15.63 47.11
C GLU B 135 2.15 15.08 45.99
N SER B 136 3.25 15.77 45.70
CA SER B 136 4.22 15.35 44.69
C SER B 136 5.60 15.94 44.96
N SER B 137 6.63 15.10 44.83
CA SER B 137 8.04 15.46 44.99
C SER B 137 8.71 15.07 43.69
N ILE B 138 9.16 16.08 42.93
CA ILE B 138 9.75 15.85 41.61
C ILE B 138 11.19 16.36 41.49
N GLN B 139 11.98 15.76 40.59
CA GLN B 139 13.36 16.18 40.33
C GLN B 139 13.77 16.03 38.89
N PHE B 140 14.31 17.11 38.30
CA PHE B 140 14.70 17.22 36.90
C PHE B 140 16.18 16.93 36.75
N ILE B 141 16.49 15.62 36.65
CA ILE B 141 17.85 15.04 36.54
C ILE B 141 18.65 15.59 35.37
N GLU B 142 18.13 15.48 34.16
CA GLU B 142 18.80 15.98 32.96
C GLU B 142 17.90 16.94 32.18
N LYS B 143 18.52 17.76 31.32
CA LYS B 143 17.81 18.72 30.49
C LYS B 143 17.16 18.00 29.31
N VAL B 144 15.83 18.08 29.22
CA VAL B 144 15.08 17.47 28.10
C VAL B 144 15.06 18.52 26.99
N LYS B 145 15.67 18.20 25.86
CA LYS B 145 15.76 19.14 24.74
C LYS B 145 14.71 18.87 23.65
N LEU B 146 14.67 19.77 22.66
CA LEU B 146 13.76 19.70 21.51
C LEU B 146 14.01 18.43 20.70
N ASN B 147 12.91 17.82 20.19
CA ASN B 147 12.88 16.57 19.41
C ASN B 147 13.08 15.26 20.18
N ASP B 148 13.30 15.36 21.50
CA ASP B 148 13.43 14.19 22.36
C ASP B 148 12.06 13.59 22.60
N THR B 149 12.00 12.27 22.81
CA THR B 149 10.75 11.58 23.12
C THR B 149 10.90 11.05 24.54
N VAL B 150 10.08 11.57 25.46
CA VAL B 150 10.12 11.21 26.88
C VAL B 150 9.27 9.97 27.16
N ARG B 151 9.93 8.90 27.64
CA ARG B 151 9.29 7.65 27.98
C ARG B 151 9.10 7.64 29.49
N ALA B 152 7.89 7.95 29.94
CA ALA B 152 7.57 7.98 31.37
C ALA B 152 6.97 6.66 31.82
N GLU B 153 7.49 6.11 32.91
CA GLU B 153 6.95 4.88 33.50
C GLU B 153 6.59 5.09 34.95
N ALA B 154 5.32 4.82 35.30
CA ALA B 154 4.79 4.97 36.65
C ALA B 154 4.51 3.61 37.25
N ARG B 155 4.90 3.43 38.53
CA ARG B 155 4.71 2.17 39.27
C ARG B 155 4.10 2.46 40.64
N VAL B 156 3.11 1.66 41.04
CA VAL B 156 2.47 1.79 42.35
C VAL B 156 3.43 1.14 43.36
N VAL B 157 3.98 1.94 44.28
CA VAL B 157 4.93 1.45 45.29
C VAL B 157 4.25 1.08 46.60
N ASN B 158 3.17 1.80 46.96
CA ASN B 158 2.38 1.56 48.16
C ASN B 158 0.93 1.97 47.95
N GLN B 159 0.03 1.45 48.81
CA GLN B 159 -1.40 1.75 48.78
C GLN B 159 -1.99 1.63 50.18
N THR B 160 -2.51 2.75 50.69
CA THR B 160 -3.18 2.84 51.99
C THR B 160 -4.69 2.78 51.73
N ALA B 161 -5.52 3.02 52.77
CA ALA B 161 -6.98 3.00 52.62
C ALA B 161 -7.48 4.25 51.89
N LYS B 162 -6.73 5.36 51.97
CA LYS B 162 -7.08 6.65 51.37
C LYS B 162 -6.13 7.10 50.26
N HIS B 163 -4.92 6.51 50.15
CA HIS B 163 -3.94 6.91 49.15
C HIS B 163 -3.25 5.80 48.37
N TYR B 164 -2.68 6.17 47.21
CA TYR B 164 -1.89 5.34 46.30
C TYR B 164 -0.55 6.05 46.15
N TYR B 165 0.55 5.36 46.42
CA TYR B 165 1.88 5.97 46.31
C TYR B 165 2.53 5.50 45.02
N VAL B 166 2.79 6.45 44.11
CA VAL B 166 3.33 6.18 42.77
C VAL B 166 4.72 6.79 42.55
N GLU B 167 5.62 6.02 41.96
CA GLU B 167 6.97 6.45 41.59
C GLU B 167 7.04 6.53 40.07
N VAL B 168 7.36 7.72 39.54
CA VAL B 168 7.47 7.98 38.11
C VAL B 168 8.94 8.16 37.74
N LYS B 169 9.37 7.48 36.68
CA LYS B 169 10.73 7.57 36.16
C LYS B 169 10.63 7.82 34.67
N SER B 170 11.03 9.01 34.23
CA SER B 170 10.98 9.39 32.82
C SER B 170 12.38 9.31 32.21
N TYR B 171 12.46 8.75 30.99
CA TYR B 171 13.71 8.55 30.27
C TYR B 171 13.68 9.09 28.85
N VAL B 172 14.87 9.40 28.32
CA VAL B 172 15.09 9.83 26.94
C VAL B 172 16.26 8.94 26.45
N LYS B 173 15.99 7.95 25.56
CA LYS B 173 16.97 6.99 25.04
C LYS B 173 17.70 6.29 26.21
N HIS B 174 16.92 5.71 27.16
CA HIS B 174 17.44 5.07 28.38
C HIS B 174 18.51 5.88 29.17
N THR B 175 18.13 7.12 29.52
CA THR B 175 18.82 8.12 30.31
C THR B 175 17.76 8.78 31.19
N LEU B 176 17.82 8.55 32.52
CA LEU B 176 16.86 9.12 33.47
C LEU B 176 16.97 10.63 33.46
N VAL B 177 15.87 11.30 33.08
CA VAL B 177 15.79 12.75 32.97
C VAL B 177 14.88 13.36 34.04
N PHE B 178 13.94 12.55 34.54
CA PHE B 178 12.94 12.97 35.53
C PHE B 178 12.59 11.83 36.48
N LYS B 179 12.41 12.17 37.77
CA LYS B 179 12.05 11.26 38.86
C LYS B 179 10.96 11.97 39.67
N GLY B 180 9.84 11.30 39.88
CA GLY B 180 8.71 11.90 40.59
C GLY B 180 7.93 10.96 41.49
N ASN B 181 7.69 11.39 42.72
CA ASN B 181 6.95 10.62 43.72
C ASN B 181 5.56 11.25 43.87
N PHE B 182 4.50 10.46 43.72
CA PHE B 182 3.13 10.96 43.76
C PHE B 182 2.28 10.34 44.83
N LYS B 183 1.51 11.19 45.53
CA LYS B 183 0.58 10.79 46.59
C LYS B 183 -0.82 11.03 46.02
N MSE B 184 -1.41 9.95 45.48
CA MSE B 184 -2.71 9.98 44.83
C MSE B 184 -3.82 9.57 45.76
O MSE B 184 -3.82 8.44 46.25
CB MSE B 184 -2.71 9.05 43.59
CG MSE B 184 -1.55 9.28 42.63
SE MSE B 184 -1.49 11.09 41.93
CE MSE B 184 -3.03 11.01 40.73
N PHE B 185 -4.77 10.48 46.03
CA PHE B 185 -5.92 10.17 46.86
C PHE B 185 -6.93 9.39 46.03
N TYR B 186 -7.52 8.35 46.61
CA TYR B 186 -8.51 7.53 45.93
C TYR B 186 -9.76 7.30 46.77
N ASP B 187 -10.92 7.23 46.11
CA ASP B 187 -12.21 7.00 46.77
C ASP B 187 -13.09 6.10 45.89
N LYS B 188 -13.65 5.04 46.49
CA LYS B 188 -14.52 4.06 45.82
C LYS B 188 -15.99 4.56 45.70
N ARG B 189 -16.15 5.87 45.42
CA ARG B 189 -17.42 6.58 45.22
C ARG B 189 -17.37 7.34 43.89
N GLY B 190 -16.46 8.18 43.70
N GLU C 4 -28.17 5.82 -26.14
CA GLU C 4 -28.89 6.40 -25.01
C GLU C 4 -28.22 6.01 -23.70
N THR C 5 -28.37 4.74 -23.27
CA THR C 5 -27.77 4.23 -22.03
C THR C 5 -26.28 3.98 -22.25
N LEU C 6 -25.42 4.88 -21.75
CA LEU C 6 -23.99 4.62 -21.87
C LEU C 6 -23.66 3.60 -20.79
N LYS C 7 -23.79 2.33 -21.19
CA LYS C 7 -23.65 1.10 -20.39
C LYS C 7 -22.58 1.14 -19.31
N LEU C 8 -21.43 1.80 -19.58
CA LEU C 8 -20.33 1.88 -18.62
C LEU C 8 -20.30 3.17 -17.79
N LYS C 9 -20.40 3.01 -16.46
CA LYS C 9 -20.33 4.12 -15.51
C LYS C 9 -18.84 4.45 -15.24
N LYS C 10 -18.55 5.64 -14.67
CA LYS C 10 -17.22 6.16 -14.35
C LYS C 10 -16.19 5.07 -13.91
N ASP C 11 -16.47 4.36 -12.81
CA ASP C 11 -15.57 3.31 -12.29
C ASP C 11 -15.37 2.12 -13.23
N LYS C 12 -16.48 1.62 -13.83
CA LYS C 12 -16.46 0.49 -14.76
C LYS C 12 -15.69 0.82 -16.06
N ARG C 13 -15.87 2.06 -16.58
CA ARG C 13 -15.22 2.56 -17.79
C ARG C 13 -13.71 2.64 -17.58
N ARG C 14 -13.29 3.19 -16.43
CA ARG C 14 -11.89 3.35 -16.07
C ARG C 14 -11.17 2.02 -15.98
N GLU C 15 -11.80 0.98 -15.40
CA GLU C 15 -11.18 -0.34 -15.35
C GLU C 15 -11.05 -0.91 -16.77
N ALA C 16 -12.08 -0.70 -17.62
CA ALA C 16 -12.07 -1.16 -19.01
C ALA C 16 -10.99 -0.42 -19.82
N ILE C 17 -10.73 0.86 -19.49
CA ILE C 17 -9.70 1.69 -20.12
C ILE C 17 -8.33 1.17 -19.71
N ARG C 18 -8.15 0.90 -18.39
CA ARG C 18 -6.95 0.36 -17.76
C ARG C 18 -6.54 -0.95 -18.44
N GLN C 19 -7.51 -1.84 -18.64
CA GLN C 19 -7.30 -3.14 -19.29
C GLN C 19 -6.96 -2.99 -20.76
N GLN C 20 -7.60 -2.03 -21.46
CA GLN C 20 -7.36 -1.76 -22.88
C GLN C 20 -5.94 -1.24 -23.14
N ILE C 21 -5.46 -0.32 -22.27
CA ILE C 21 -4.12 0.25 -22.34
C ILE C 21 -3.01 -0.77 -22.07
N ASP C 22 -3.28 -1.70 -21.16
CA ASP C 22 -2.39 -2.80 -20.86
C ASP C 22 -2.28 -3.69 -22.07
N SER C 23 -3.42 -4.06 -22.57
CA SER C 23 -3.59 -5.01 -23.68
C SER C 23 -2.92 -4.42 -24.93
N ASN C 24 -2.97 -3.09 -25.08
CA ASN C 24 -2.37 -2.37 -26.20
C ASN C 24 -1.88 -1.01 -25.72
N PRO C 25 -0.59 -0.88 -25.35
CA PRO C 25 -0.09 0.43 -24.88
C PRO C 25 0.07 1.45 -25.99
N PHE C 26 0.07 0.99 -27.25
CA PHE C 26 0.21 1.80 -28.46
C PHE C 26 -1.09 2.53 -28.85
N ILE C 27 -2.19 2.32 -28.08
CA ILE C 27 -3.48 2.98 -28.32
C ILE C 27 -3.38 4.48 -28.03
N THR C 28 -4.11 5.30 -28.80
CA THR C 28 -4.14 6.75 -28.61
C THR C 28 -5.38 7.12 -27.78
N ASP C 29 -5.40 8.35 -27.22
CA ASP C 29 -6.54 8.85 -26.45
C ASP C 29 -7.75 9.02 -27.37
N HIS C 30 -7.49 9.33 -28.66
CA HIS C 30 -8.53 9.48 -29.68
C HIS C 30 -9.24 8.17 -29.94
N GLU C 31 -8.49 7.07 -30.10
CA GLU C 31 -9.11 5.76 -30.34
C GLU C 31 -9.95 5.35 -29.12
N LEU C 32 -9.41 5.56 -27.90
CA LEU C 32 -10.11 5.24 -26.65
C LEU C 32 -11.43 6.02 -26.54
N SER C 33 -11.42 7.31 -26.97
CA SER C 33 -12.61 8.17 -26.98
C SER C 33 -13.69 7.59 -27.90
N ASP C 34 -13.30 7.08 -29.08
CA ASP C 34 -14.22 6.46 -30.04
C ASP C 34 -14.74 5.12 -29.52
N LEU C 35 -13.84 4.30 -28.95
CA LEU C 35 -14.19 2.97 -28.42
C LEU C 35 -15.16 3.07 -27.26
N PHE C 36 -14.92 4.01 -26.33
CA PHE C 36 -15.75 4.16 -25.14
C PHE C 36 -16.90 5.16 -25.25
N GLN C 37 -17.00 5.86 -26.41
CA GLN C 37 -18.04 6.86 -26.71
C GLN C 37 -18.11 7.92 -25.61
N VAL C 38 -16.95 8.46 -25.28
CA VAL C 38 -16.73 9.46 -24.26
C VAL C 38 -15.77 10.53 -24.83
N SER C 39 -15.77 11.76 -24.28
CA SER C 39 -14.93 12.84 -24.79
C SER C 39 -13.46 12.55 -24.56
N ILE C 40 -12.56 13.05 -25.45
CA ILE C 40 -11.11 12.88 -25.27
C ILE C 40 -10.70 13.39 -23.88
N GLN C 41 -11.36 14.47 -23.41
CA GLN C 41 -11.12 15.10 -22.11
C GLN C 41 -11.38 14.13 -20.96
N THR C 42 -12.43 13.28 -21.11
CA THR C 42 -12.76 12.24 -20.13
C THR C 42 -11.66 11.19 -20.12
N ILE C 43 -11.18 10.77 -21.32
CA ILE C 43 -10.08 9.80 -21.47
C ILE C 43 -8.83 10.30 -20.73
N ARG C 44 -8.49 11.58 -20.93
CA ARG C 44 -7.32 12.24 -20.31
C ARG C 44 -7.48 12.26 -18.79
N LEU C 45 -8.71 12.51 -18.30
CA LEU C 45 -9.03 12.51 -16.87
C LEU C 45 -8.94 11.11 -16.29
N ASP C 46 -9.39 10.10 -17.08
CA ASP C 46 -9.39 8.70 -16.69
C ASP C 46 -7.97 8.18 -16.49
N ARG C 47 -7.04 8.43 -17.45
CA ARG C 47 -5.63 8.04 -17.38
C ARG C 47 -4.95 8.70 -16.22
N THR C 48 -5.30 9.97 -15.94
CA THR C 48 -4.74 10.77 -14.86
C THR C 48 -5.01 10.10 -13.51
N TYR C 49 -6.29 9.77 -13.25
CA TYR C 49 -6.73 9.13 -12.02
C TYR C 49 -6.12 7.73 -11.89
N LEU C 50 -6.03 6.98 -13.01
CA LEU C 50 -5.48 5.62 -13.07
C LEU C 50 -3.95 5.61 -13.09
N ASN C 51 -3.32 6.81 -13.08
CA ASN C 51 -1.87 7.02 -13.12
C ASN C 51 -1.17 6.35 -14.31
N ILE C 52 -1.87 6.36 -15.46
CA ILE C 52 -1.41 5.84 -16.74
C ILE C 52 -0.76 7.02 -17.47
N PRO C 53 0.52 6.90 -17.89
CA PRO C 53 1.16 8.03 -18.59
C PRO C 53 0.66 8.11 -20.04
N GLU C 54 1.04 9.18 -20.74
CA GLU C 54 0.67 9.38 -22.14
C GLU C 54 1.35 8.35 -23.06
N LEU C 55 0.78 8.16 -24.26
CA LEU C 55 1.23 7.22 -25.30
C LEU C 55 2.74 7.14 -25.45
N ARG C 56 3.38 8.29 -25.71
CA ARG C 56 4.82 8.40 -25.91
C ARG C 56 5.62 7.92 -24.71
N LYS C 57 5.12 8.16 -23.49
CA LYS C 57 5.76 7.70 -22.27
C LYS C 57 5.59 6.18 -22.10
N ARG C 58 4.43 5.64 -22.54
CA ARG C 58 4.16 4.20 -22.46
C ARG C 58 5.05 3.47 -23.44
N ILE C 59 5.12 3.94 -24.70
CA ILE C 59 5.96 3.35 -25.75
C ILE C 59 7.43 3.32 -25.30
N LYS C 60 7.90 4.39 -24.62
CA LYS C 60 9.27 4.49 -24.12
C LYS C 60 9.55 3.39 -23.12
N LEU C 61 8.65 3.19 -22.15
CA LEU C 61 8.76 2.14 -21.11
C LEU C 61 8.82 0.74 -21.69
N VAL C 62 8.07 0.48 -22.78
CA VAL C 62 8.04 -0.80 -23.49
C VAL C 62 9.40 -1.01 -24.17
N ALA C 63 9.93 0.03 -24.83
CA ALA C 63 11.22 0.02 -25.52
C ALA C 63 12.38 -0.13 -24.53
N GLU C 64 12.32 0.59 -23.39
CA GLU C 64 13.34 0.56 -22.33
C GLU C 64 13.50 -0.81 -21.68
N LYS C 65 12.38 -1.55 -21.50
CA LYS C 65 12.37 -2.89 -20.91
C LYS C 65 13.11 -3.86 -21.83
N ASN C 66 12.85 -3.74 -23.17
CA ASN C 66 13.46 -4.51 -24.26
C ASN C 66 14.92 -4.14 -24.48
N TYR C 67 15.26 -2.83 -24.37
CA TYR C 67 16.63 -2.32 -24.53
C TYR C 67 17.54 -2.79 -23.39
N ASP C 68 17.02 -2.74 -22.13
CA ASP C 68 17.74 -3.19 -20.92
C ASP C 68 17.90 -4.73 -20.92
N GLN C 69 17.25 -5.42 -21.89
CA GLN C 69 17.26 -6.87 -22.10
C GLN C 69 16.73 -7.68 -20.90
N ILE C 70 15.67 -7.15 -20.26
CA ILE C 70 14.98 -7.80 -19.12
C ILE C 70 14.16 -8.97 -19.68
N SER C 71 14.26 -10.16 -19.02
CA SER C 71 13.65 -11.43 -19.40
C SER C 71 14.32 -11.97 -20.68
N SER C 72 15.24 -12.95 -20.50
CA SER C 72 16.03 -13.61 -21.54
C SER C 72 15.19 -14.38 -22.57
N ILE C 73 15.83 -14.82 -23.67
CA ILE C 73 15.20 -15.63 -24.73
C ILE C 73 14.71 -16.93 -24.09
N GLU C 74 15.55 -17.53 -23.21
CA GLU C 74 15.31 -18.75 -22.44
C GLU C 74 14.02 -18.68 -21.61
N GLU C 75 13.70 -17.50 -21.05
CA GLU C 75 12.50 -17.23 -20.25
C GLU C 75 11.24 -17.21 -21.12
N GLN C 76 11.35 -16.59 -22.31
CA GLN C 76 10.26 -16.41 -23.26
C GLN C 76 9.74 -17.74 -23.86
N GLU C 77 10.66 -18.61 -24.31
CA GLU C 77 10.39 -19.91 -24.95
C GLU C 77 10.18 -21.10 -23.97
N PHE C 78 9.89 -20.78 -22.70
CA PHE C 78 9.70 -21.73 -21.61
C PHE C 78 8.24 -21.87 -21.22
N ILE C 79 7.75 -23.13 -21.10
CA ILE C 79 6.37 -23.41 -20.71
C ILE C 79 6.30 -23.47 -19.19
N GLY C 80 5.50 -22.59 -18.63
CA GLY C 80 5.32 -22.45 -17.19
C GLY C 80 6.19 -21.34 -16.62
N ASP C 81 6.28 -21.28 -15.28
CA ASP C 81 7.09 -20.31 -14.57
C ASP C 81 8.14 -21.08 -13.80
N LEU C 82 9.42 -20.80 -14.06
CA LEU C 82 10.51 -21.48 -13.38
C LEU C 82 10.67 -20.89 -11.98
N ILE C 83 10.52 -21.74 -10.96
CA ILE C 83 10.58 -21.33 -9.57
C ILE C 83 11.95 -21.51 -8.92
N GLN C 84 12.55 -22.69 -9.08
CA GLN C 84 13.84 -23.04 -8.46
C GLN C 84 14.64 -23.96 -9.37
N VAL C 85 15.97 -23.74 -9.46
CA VAL C 85 16.91 -24.52 -10.26
C VAL C 85 18.22 -24.76 -9.50
N ASN C 86 18.62 -26.03 -9.44
CA ASN C 86 19.90 -26.49 -8.89
C ASN C 86 20.53 -27.16 -10.11
N PRO C 87 21.45 -26.46 -10.83
CA PRO C 87 21.98 -27.01 -12.09
C PRO C 87 22.43 -28.46 -12.05
N ASN C 88 21.86 -29.26 -12.97
CA ASN C 88 22.10 -30.69 -13.15
C ASN C 88 21.75 -31.54 -11.91
N VAL C 89 20.88 -31.01 -11.01
CA VAL C 89 20.45 -31.70 -9.79
C VAL C 89 18.92 -31.82 -9.71
N LYS C 90 18.23 -30.72 -9.35
CA LYS C 90 16.77 -30.66 -9.18
C LYS C 90 16.25 -29.29 -9.61
N ALA C 91 15.06 -29.26 -10.25
CA ALA C 91 14.41 -28.03 -10.69
C ALA C 91 12.89 -28.11 -10.55
N GLN C 92 12.22 -26.96 -10.33
CA GLN C 92 10.76 -26.88 -10.20
C GLN C 92 10.17 -25.71 -11.00
N SER C 93 9.08 -26.01 -11.73
CA SER C 93 8.31 -25.04 -12.49
C SER C 93 6.83 -25.16 -12.15
N ILE C 94 6.10 -24.05 -12.26
CA ILE C 94 4.67 -24.02 -11.99
C ILE C 94 3.92 -23.64 -13.27
N LEU C 95 2.70 -24.14 -13.42
CA LEU C 95 1.88 -23.84 -14.59
C LEU C 95 0.41 -23.72 -14.21
N ASP C 96 -0.13 -22.51 -14.34
CA ASP C 96 -1.53 -22.30 -14.05
C ASP C 96 -2.34 -22.70 -15.27
N ILE C 97 -3.31 -23.61 -15.06
CA ILE C 97 -4.16 -24.12 -16.13
C ILE C 97 -5.31 -23.16 -16.42
N THR C 98 -5.16 -22.42 -17.54
CA THR C 98 -6.14 -21.44 -18.02
C THR C 98 -7.10 -22.11 -19.02
N SER C 99 -8.16 -21.38 -19.42
CA SER C 99 -9.18 -21.84 -20.38
C SER C 99 -8.59 -22.24 -21.74
N ASP C 100 -7.42 -21.69 -22.07
CA ASP C 100 -6.71 -21.94 -23.31
C ASP C 100 -5.98 -23.28 -23.32
N SER C 101 -5.76 -23.87 -22.13
CA SER C 101 -5.04 -25.15 -21.94
C SER C 101 -5.98 -26.37 -21.83
N VAL C 102 -7.27 -26.14 -21.51
CA VAL C 102 -8.29 -27.18 -21.34
C VAL C 102 -9.17 -27.42 -22.57
N PHE C 103 -9.75 -28.64 -22.68
CA PHE C 103 -10.71 -29.01 -23.72
C PHE C 103 -12.03 -28.32 -23.31
N HIS C 104 -12.57 -27.44 -24.16
CA HIS C 104 -13.77 -26.64 -23.88
C HIS C 104 -14.96 -27.42 -23.33
N LYS C 105 -15.24 -28.59 -23.92
CA LYS C 105 -16.34 -29.46 -23.54
C LYS C 105 -16.19 -30.05 -22.13
N THR C 106 -15.02 -30.66 -21.84
CA THR C 106 -14.72 -31.36 -20.60
C THR C 106 -14.14 -30.52 -19.47
N GLY C 107 -13.30 -29.55 -19.81
CA GLY C 107 -12.63 -28.69 -18.85
C GLY C 107 -11.35 -29.31 -18.31
N ILE C 108 -10.84 -30.36 -19.00
CA ILE C 108 -9.62 -31.09 -18.65
C ILE C 108 -8.48 -30.62 -19.57
N ALA C 109 -7.28 -30.41 -19.00
CA ALA C 109 -6.08 -29.98 -19.70
C ALA C 109 -5.68 -30.96 -20.79
N ARG C 110 -5.24 -30.44 -21.94
CA ARG C 110 -4.80 -31.24 -23.06
C ARG C 110 -3.46 -31.93 -22.76
N GLY C 111 -3.27 -33.14 -23.29
CA GLY C 111 -2.09 -33.96 -23.07
C GLY C 111 -0.76 -33.26 -23.24
N HIS C 112 -0.62 -32.53 -24.37
CA HIS C 112 0.60 -31.81 -24.72
C HIS C 112 0.95 -30.66 -23.80
N VAL C 113 -0.05 -30.13 -23.06
CA VAL C 113 0.13 -29.02 -22.12
C VAL C 113 1.11 -29.42 -21.01
N LEU C 114 0.84 -30.56 -20.37
CA LEU C 114 1.65 -31.08 -19.27
C LEU C 114 3.01 -31.58 -19.70
N PHE C 115 3.10 -32.13 -20.92
CA PHE C 115 4.38 -32.59 -21.46
C PHE C 115 5.29 -31.40 -21.76
N ALA C 116 4.70 -30.31 -22.29
CA ALA C 116 5.41 -29.06 -22.63
C ALA C 116 6.10 -28.44 -21.42
N GLN C 117 5.42 -28.44 -20.25
CA GLN C 117 5.97 -27.93 -19.00
C GLN C 117 7.12 -28.82 -18.54
N ALA C 118 6.94 -30.15 -18.63
CA ALA C 118 7.89 -31.17 -18.23
C ALA C 118 9.18 -31.10 -19.06
N ASN C 119 9.04 -31.07 -20.40
CA ASN C 119 10.16 -30.99 -21.32
C ASN C 119 10.95 -29.69 -21.10
N SER C 120 10.25 -28.54 -20.98
CA SER C 120 10.83 -27.22 -20.74
C SER C 120 11.69 -27.23 -19.49
N LEU C 121 11.18 -27.86 -18.41
CA LEU C 121 11.85 -27.98 -17.12
C LEU C 121 13.16 -28.74 -17.21
N CYS C 122 13.20 -29.78 -18.06
CA CYS C 122 14.39 -30.61 -18.27
C CYS C 122 15.51 -29.84 -18.94
N VAL C 123 15.19 -29.05 -19.98
CA VAL C 123 16.14 -28.21 -20.72
C VAL C 123 16.74 -27.15 -19.77
N ALA C 124 15.90 -26.61 -18.86
CA ALA C 124 16.29 -25.62 -17.86
C ALA C 124 17.18 -26.25 -16.79
N LEU C 125 16.88 -27.50 -16.40
CA LEU C 125 17.61 -28.25 -15.38
C LEU C 125 19.05 -28.54 -15.79
N ILE C 126 19.26 -29.00 -17.03
CA ILE C 126 20.60 -29.34 -17.53
C ILE C 126 21.38 -28.10 -17.98
N LYS C 127 22.44 -27.76 -17.23
CA LYS C 127 23.32 -26.63 -17.49
C LYS C 127 24.48 -27.11 -18.38
N GLN C 128 24.21 -27.21 -19.68
CA GLN C 128 25.15 -27.65 -20.72
C GLN C 128 24.96 -26.79 -21.99
N PRO C 129 25.99 -26.62 -22.85
CA PRO C 129 25.80 -25.79 -24.07
C PRO C 129 24.65 -26.27 -24.97
N THR C 130 24.67 -27.56 -25.34
CA THR C 130 23.63 -28.17 -26.19
C THR C 130 22.90 -29.28 -25.44
N VAL C 131 21.57 -29.11 -25.28
CA VAL C 131 20.67 -30.03 -24.60
C VAL C 131 19.50 -30.34 -25.53
N LEU C 132 19.28 -31.64 -25.83
CA LEU C 132 18.21 -32.10 -26.71
C LEU C 132 17.52 -33.33 -26.14
N THR C 133 16.17 -33.37 -26.21
CA THR C 133 15.40 -34.52 -25.75
C THR C 133 15.53 -35.61 -26.80
N HIS C 134 15.95 -36.81 -26.37
CA HIS C 134 16.13 -37.96 -27.25
C HIS C 134 15.00 -38.96 -27.13
N GLU C 135 14.56 -39.23 -25.89
CA GLU C 135 13.48 -40.17 -25.58
C GLU C 135 12.71 -39.66 -24.38
N SER C 136 11.43 -40.07 -24.28
CA SER C 136 10.55 -39.73 -23.17
C SER C 136 9.44 -40.75 -23.00
N SER C 137 9.18 -41.14 -21.75
CA SER C 137 8.13 -42.08 -21.36
C SER C 137 7.29 -41.33 -20.34
N ILE C 138 6.04 -40.99 -20.70
CA ILE C 138 5.16 -40.20 -19.85
C ILE C 138 3.86 -40.90 -19.46
N GLN C 139 3.30 -40.52 -18.30
CA GLN C 139 2.08 -41.08 -17.72
C GLN C 139 1.17 -39.97 -17.19
N PHE C 140 -0.13 -40.03 -17.54
CA PHE C 140 -1.13 -39.06 -17.08
C PHE C 140 -1.99 -39.72 -16.01
N ILE C 141 -1.47 -39.73 -14.76
CA ILE C 141 -2.07 -40.34 -13.57
C ILE C 141 -3.48 -39.84 -13.26
N GLU C 142 -3.65 -38.52 -13.12
CA GLU C 142 -4.96 -37.91 -12.83
C GLU C 142 -5.31 -36.85 -13.86
N LYS C 143 -6.61 -36.52 -13.96
CA LYS C 143 -7.09 -35.50 -14.87
C LYS C 143 -6.80 -34.11 -14.30
N VAL C 144 -6.02 -33.31 -15.04
CA VAL C 144 -5.71 -31.94 -14.64
C VAL C 144 -6.84 -31.07 -15.17
N LYS C 145 -7.57 -30.42 -14.28
CA LYS C 145 -8.71 -29.61 -14.67
C LYS C 145 -8.43 -28.11 -14.67
N LEU C 146 -9.38 -27.33 -15.17
CA LEU C 146 -9.31 -25.88 -15.27
C LEU C 146 -9.11 -25.25 -13.89
N ASN C 147 -8.28 -24.20 -13.83
CA ASN C 147 -7.90 -23.42 -12.64
C ASN C 147 -6.89 -24.10 -11.69
N ASP C 148 -6.46 -25.33 -12.03
CA ASP C 148 -5.46 -26.05 -11.26
C ASP C 148 -4.09 -25.45 -11.55
N THR C 149 -3.17 -25.51 -10.58
CA THR C 149 -1.80 -25.05 -10.76
C THR C 149 -0.91 -26.27 -10.66
N VAL C 150 -0.24 -26.61 -11.76
CA VAL C 150 0.61 -27.80 -11.84
C VAL C 150 2.03 -27.48 -11.37
N ARG C 151 2.46 -28.16 -10.29
CA ARG C 151 3.78 -28.01 -9.70
C ARG C 151 4.64 -29.16 -10.19
N ALA C 152 5.46 -28.89 -11.20
CA ALA C 152 6.33 -29.92 -11.78
C ALA C 152 7.71 -29.87 -11.16
N GLU C 153 8.22 -31.03 -10.75
CA GLU C 153 9.57 -31.14 -10.20
C GLU C 153 10.39 -32.19 -10.96
N ALA C 154 11.54 -31.77 -11.50
CA ALA C 154 12.44 -32.62 -12.26
C ALA C 154 13.71 -32.88 -11.47
N ARG C 155 14.16 -34.15 -11.46
CA ARG C 155 15.37 -34.57 -10.76
C ARG C 155 16.25 -35.41 -11.68
N VAL C 156 17.57 -35.16 -11.67
CA VAL C 156 18.52 -35.93 -12.46
C VAL C 156 18.75 -37.24 -11.69
N VAL C 157 18.37 -38.37 -12.30
CA VAL C 157 18.51 -39.69 -11.68
C VAL C 157 19.79 -40.40 -12.09
N ASN C 158 20.24 -40.17 -13.33
CA ASN C 158 21.47 -40.75 -13.87
C ASN C 158 22.09 -39.81 -14.92
N GLN C 159 23.39 -40.01 -15.20
CA GLN C 159 24.15 -39.22 -16.16
C GLN C 159 25.27 -40.07 -16.78
N THR C 160 25.20 -40.29 -18.09
CA THR C 160 26.21 -41.01 -18.86
C THR C 160 27.12 -39.98 -19.53
N ALA C 161 28.02 -40.40 -20.44
CA ALA C 161 28.92 -39.49 -21.14
C ALA C 161 28.18 -38.68 -22.22
N LYS C 162 27.07 -39.23 -22.75
CA LYS C 162 26.27 -38.62 -23.81
C LYS C 162 24.85 -38.23 -23.36
N HIS C 163 24.35 -38.78 -22.24
CA HIS C 163 22.97 -38.51 -21.78
C HIS C 163 22.81 -38.15 -20.31
N TYR C 164 21.66 -37.52 -19.99
CA TYR C 164 21.21 -37.13 -18.66
C TYR C 164 19.83 -37.77 -18.51
N TYR C 165 19.63 -38.55 -17.45
CA TYR C 165 18.36 -39.22 -17.20
C TYR C 165 17.58 -38.46 -16.14
N VAL C 166 16.43 -37.90 -16.53
CA VAL C 166 15.59 -37.05 -15.68
C VAL C 166 14.22 -37.66 -15.39
N GLU C 167 13.80 -37.60 -14.12
CA GLU C 167 12.48 -38.04 -13.68
C GLU C 167 11.67 -36.80 -13.30
N VAL C 168 10.52 -36.62 -13.95
CA VAL C 168 9.62 -35.49 -13.70
C VAL C 168 8.37 -36.00 -12.98
N LYS C 169 7.97 -35.30 -11.92
CA LYS C 169 6.79 -35.61 -11.13
C LYS C 169 5.99 -34.33 -10.97
N SER C 170 4.83 -34.26 -11.61
CA SER C 170 3.97 -33.09 -11.55
C SER C 170 2.81 -33.33 -10.61
N TYR C 171 2.50 -32.32 -9.77
CA TYR C 171 1.47 -32.40 -8.75
C TYR C 171 0.48 -31.24 -8.82
N VAL C 172 -0.74 -31.48 -8.29
CA VAL C 172 -1.79 -30.49 -8.14
C VAL C 172 -2.25 -30.67 -6.69
N LYS C 173 -1.92 -29.71 -5.77
CA LYS C 173 -2.26 -29.75 -4.33
C LYS C 173 -1.76 -31.07 -3.72
N HIS C 174 -0.46 -31.39 -3.92
CA HIS C 174 0.16 -32.65 -3.47
C HIS C 174 -0.63 -33.95 -3.79
N THR C 175 -0.95 -34.11 -5.09
CA THR C 175 -1.62 -35.23 -5.76
C THR C 175 -0.88 -35.41 -7.09
N LEU C 176 -0.15 -36.54 -7.23
CA LEU C 176 0.60 -36.83 -8.45
C LEU C 176 -0.36 -37.00 -9.62
N VAL C 177 -0.23 -36.12 -10.61
CA VAL C 177 -1.08 -36.07 -11.80
C VAL C 177 -0.33 -36.51 -13.06
N PHE C 178 1.00 -36.36 -13.05
CA PHE C 178 1.87 -36.66 -14.16
C PHE C 178 3.21 -37.18 -13.70
N LYS C 179 3.75 -38.16 -14.44
CA LYS C 179 5.04 -38.77 -14.22
C LYS C 179 5.69 -38.92 -15.59
N GLY C 180 6.95 -38.52 -15.68
CA GLY C 180 7.68 -38.57 -16.95
C GLY C 180 9.16 -38.83 -16.80
N ASN C 181 9.67 -39.75 -17.63
CA ASN C 181 11.08 -40.11 -17.66
C ASN C 181 11.67 -39.53 -18.93
N PHE C 182 12.77 -38.75 -18.80
CA PHE C 182 13.40 -38.06 -19.91
C PHE C 182 14.84 -38.47 -20.16
N LYS C 183 15.18 -38.71 -21.44
CA LYS C 183 16.52 -39.05 -21.88
C LYS C 183 17.04 -37.83 -22.64
N MSE C 184 17.80 -36.99 -21.93
CA MSE C 184 18.33 -35.73 -22.44
C MSE C 184 19.75 -35.90 -22.94
O MSE C 184 20.64 -36.25 -22.17
CB MSE C 184 18.28 -34.64 -21.35
CG MSE C 184 16.92 -34.49 -20.68
SE MSE C 184 15.51 -34.04 -21.93
CE MSE C 184 15.99 -32.19 -22.33
N PHE C 185 19.97 -35.66 -24.23
CA PHE C 185 21.31 -35.72 -24.82
C PHE C 185 22.02 -34.41 -24.48
N TYR C 186 23.31 -34.51 -24.11
CA TYR C 186 24.11 -33.34 -23.77
C TYR C 186 25.47 -33.35 -24.46
N ASP C 187 25.97 -32.15 -24.83
CA ASP C 187 27.26 -31.99 -25.49
C ASP C 187 27.95 -30.71 -24.99
N LYS C 188 29.22 -30.84 -24.56
CA LYS C 188 30.04 -29.74 -24.03
C LYS C 188 30.66 -28.86 -25.14
N ARG C 189 29.88 -28.55 -26.18
CA ARG C 189 30.29 -27.71 -27.32
C ARG C 189 29.15 -26.75 -27.69
N GLY C 190 28.01 -27.23 -27.95
N LYS D 7 36.91 19.04 -35.76
CA LYS D 7 37.73 17.86 -36.03
C LYS D 7 37.10 16.87 -37.02
N LEU D 8 35.77 16.67 -36.96
CA LEU D 8 35.05 15.73 -37.82
C LEU D 8 34.41 16.38 -39.06
N LYS D 9 34.80 15.89 -40.25
CA LYS D 9 34.26 16.35 -41.53
C LYS D 9 32.91 15.63 -41.79
N LYS D 10 32.11 16.15 -42.74
CA LYS D 10 30.78 15.64 -43.13
C LYS D 10 30.63 14.11 -43.08
N ASP D 11 31.42 13.37 -43.87
CA ASP D 11 31.37 11.91 -43.93
C ASP D 11 31.76 11.21 -42.63
N LYS D 12 32.84 11.69 -41.96
CA LYS D 12 33.35 11.15 -40.69
C LYS D 12 32.34 11.35 -39.56
N ARG D 13 31.70 12.54 -39.51
CA ARG D 13 30.70 12.91 -38.50
C ARG D 13 29.47 12.01 -38.62
N ARG D 14 28.98 11.82 -39.86
CA ARG D 14 27.81 10.99 -40.16
C ARG D 14 28.01 9.54 -39.73
N GLU D 15 29.20 8.97 -39.99
CA GLU D 15 29.58 7.61 -39.61
C GLU D 15 29.59 7.46 -38.08
N ALA D 16 29.97 8.52 -37.36
CA ALA D 16 30.00 8.55 -35.90
C ALA D 16 28.59 8.76 -35.33
N ILE D 17 27.74 9.54 -36.05
CA ILE D 17 26.34 9.79 -35.67
C ILE D 17 25.55 8.48 -35.78
N ARG D 18 25.69 7.76 -36.91
CA ARG D 18 25.00 6.48 -37.15
C ARG D 18 25.36 5.43 -36.11
N GLN D 19 26.65 5.39 -35.69
CA GLN D 19 27.12 4.48 -34.64
C GLN D 19 26.59 4.89 -33.27
N GLN D 20 26.49 6.21 -32.99
CA GLN D 20 25.98 6.74 -31.72
C GLN D 20 24.49 6.42 -31.55
N ILE D 21 23.69 6.58 -32.63
CA ILE D 21 22.26 6.28 -32.65
C ILE D 21 22.05 4.76 -32.54
N ASP D 22 22.94 3.95 -33.14
CA ASP D 22 22.89 2.50 -33.05
C ASP D 22 23.16 2.06 -31.62
N SER D 23 24.16 2.68 -30.96
CA SER D 23 24.54 2.39 -29.57
C SER D 23 23.52 2.89 -28.55
N ASN D 24 22.79 3.97 -28.86
CA ASN D 24 21.75 4.55 -28.01
C ASN D 24 20.66 5.17 -28.88
N PRO D 25 19.57 4.43 -29.17
CA PRO D 25 18.50 5.00 -30.01
C PRO D 25 17.67 6.07 -29.31
N PHE D 26 17.77 6.12 -27.96
CA PHE D 26 17.06 7.04 -27.10
C PHE D 26 17.68 8.45 -27.07
N ILE D 27 18.80 8.66 -27.79
CA ILE D 27 19.49 9.95 -27.90
C ILE D 27 18.63 10.96 -28.67
N THR D 28 18.66 12.23 -28.26
CA THR D 28 17.90 13.29 -28.95
C THR D 28 18.80 14.00 -29.96
N ASP D 29 18.20 14.74 -30.91
CA ASP D 29 18.96 15.51 -31.89
C ASP D 29 19.73 16.64 -31.19
N HIS D 30 19.15 17.16 -30.08
CA HIS D 30 19.77 18.20 -29.26
C HIS D 30 21.05 17.69 -28.60
N GLU D 31 21.01 16.46 -28.04
CA GLU D 31 22.15 15.80 -27.39
C GLU D 31 23.28 15.54 -28.39
N LEU D 32 22.92 15.15 -29.63
CA LEU D 32 23.85 14.90 -30.73
C LEU D 32 24.50 16.22 -31.18
N SER D 33 23.72 17.33 -31.18
CA SER D 33 24.20 18.67 -31.55
C SER D 33 25.30 19.14 -30.60
N ASP D 34 25.12 18.89 -29.30
CA ASP D 34 26.09 19.25 -28.26
C ASP D 34 27.32 18.34 -28.32
N LEU D 35 27.10 17.01 -28.49
CA LEU D 35 28.15 15.99 -28.56
C LEU D 35 29.08 16.16 -29.76
N PHE D 36 28.53 16.54 -30.94
CA PHE D 36 29.29 16.70 -32.17
C PHE D 36 29.67 18.15 -32.50
N GLN D 37 29.24 19.11 -31.64
CA GLN D 37 29.50 20.56 -31.78
C GLN D 37 29.11 21.09 -33.17
N VAL D 38 27.85 20.83 -33.54
CA VAL D 38 27.25 21.21 -34.83
C VAL D 38 25.77 21.60 -34.59
N SER D 39 25.17 22.39 -35.51
CA SER D 39 23.77 22.84 -35.36
C SER D 39 22.75 21.72 -35.54
N ILE D 40 21.59 21.85 -34.88
CA ILE D 40 20.46 20.91 -34.90
C ILE D 40 19.97 20.57 -36.33
N GLN D 41 20.09 21.55 -37.25
CA GLN D 41 19.68 21.46 -38.66
C GLN D 41 20.54 20.46 -39.42
N THR D 42 21.84 20.36 -39.05
CA THR D 42 22.81 19.45 -39.67
C THR D 42 22.46 18.01 -39.32
N ILE D 43 22.20 17.70 -38.03
CA ILE D 43 21.81 16.36 -37.54
C ILE D 43 20.55 15.88 -38.27
N ARG D 44 19.56 16.78 -38.45
CA ARG D 44 18.32 16.51 -39.18
C ARG D 44 18.63 16.12 -40.63
N LEU D 45 19.61 16.81 -41.27
CA LEU D 45 20.06 16.51 -42.63
C LEU D 45 20.88 15.21 -42.65
N ASP D 46 21.71 14.98 -41.61
CA ASP D 46 22.54 13.79 -41.48
C ASP D 46 21.69 12.54 -41.36
N ARG D 47 20.75 12.53 -40.38
CA ARG D 47 19.82 11.42 -40.16
C ARG D 47 19.04 11.10 -41.43
N THR D 48 18.65 12.15 -42.19
CA THR D 48 17.92 12.02 -43.46
C THR D 48 18.74 11.22 -44.47
N TYR D 49 20.01 11.60 -44.68
CA TYR D 49 20.92 10.93 -45.60
C TYR D 49 21.23 9.49 -45.14
N LEU D 50 21.34 9.28 -43.81
CA LEU D 50 21.62 7.97 -43.21
C LEU D 50 20.36 7.12 -43.06
N ASN D 51 19.19 7.66 -43.48
CA ASN D 51 17.86 7.05 -43.40
C ASN D 51 17.45 6.60 -42.00
N ILE D 52 17.87 7.39 -41.00
CA ILE D 52 17.57 7.20 -39.58
C ILE D 52 16.31 8.01 -39.27
N PRO D 53 15.23 7.38 -38.75
CA PRO D 53 14.03 8.17 -38.41
C PRO D 53 14.21 8.96 -37.13
N GLU D 54 13.25 9.83 -36.79
CA GLU D 54 13.30 10.64 -35.58
C GLU D 54 13.19 9.78 -34.31
N LEU D 55 13.64 10.33 -33.16
CA LEU D 55 13.64 9.69 -31.84
C LEU D 55 12.39 8.87 -31.54
N ARG D 56 11.21 9.52 -31.62
CA ARG D 56 9.93 8.89 -31.35
C ARG D 56 9.64 7.69 -32.25
N LYS D 57 10.06 7.77 -33.51
CA LYS D 57 9.90 6.67 -34.46
C LYS D 57 10.86 5.53 -34.13
N ARG D 58 12.09 5.88 -33.65
CA ARG D 58 13.12 4.93 -33.25
C ARG D 58 12.69 4.15 -32.02
N ILE D 59 12.19 4.87 -30.99
CA ILE D 59 11.70 4.28 -29.74
C ILE D 59 10.52 3.32 -30.02
N LYS D 60 9.62 3.70 -30.95
CA LYS D 60 8.47 2.89 -31.34
C LYS D 60 8.92 1.56 -31.92
N LEU D 61 9.89 1.58 -32.85
CA LEU D 61 10.45 0.39 -33.49
C LEU D 61 11.10 -0.57 -32.49
N VAL D 62 11.75 -0.03 -31.44
CA VAL D 62 12.39 -0.81 -30.37
C VAL D 62 11.28 -1.52 -29.57
N ALA D 63 10.21 -0.77 -29.21
CA ALA D 63 9.06 -1.26 -28.47
C ALA D 63 8.27 -2.31 -29.27
N GLU D 64 8.05 -2.06 -30.58
CA GLU D 64 7.31 -2.93 -31.49
C GLU D 64 7.98 -4.29 -31.70
N LYS D 65 9.34 -4.31 -31.72
CA LYS D 65 10.12 -5.54 -31.92
C LYS D 65 9.85 -6.58 -30.85
N ASN D 66 10.04 -6.25 -29.55
CA ASN D 66 9.70 -7.25 -28.54
C ASN D 66 8.28 -6.99 -28.02
N TYR D 67 7.32 -7.38 -28.88
CA TYR D 67 5.87 -7.27 -28.77
C TYR D 67 5.29 -8.27 -29.80
N ASP D 68 3.94 -8.39 -29.89
CA ASP D 68 3.20 -9.29 -30.81
C ASP D 68 3.51 -10.78 -30.59
N GLN D 69 3.51 -11.20 -29.32
CA GLN D 69 3.79 -12.56 -28.89
C GLN D 69 2.65 -13.51 -29.26
N ILE D 70 2.97 -14.58 -30.01
CA ILE D 70 2.02 -15.61 -30.44
C ILE D 70 1.83 -16.58 -29.26
N SER D 71 0.58 -17.01 -28.99
CA SER D 71 0.26 -17.91 -27.86
C SER D 71 1.06 -19.23 -27.91
N SER D 72 1.81 -19.51 -26.82
CA SER D 72 2.66 -20.70 -26.70
C SER D 72 1.87 -22.00 -26.78
N ILE D 73 2.53 -23.07 -27.23
CA ILE D 73 1.99 -24.41 -27.48
C ILE D 73 0.94 -24.97 -26.49
N GLU D 74 1.05 -24.60 -25.20
CA GLU D 74 0.12 -25.06 -24.15
C GLU D 74 -1.26 -24.39 -24.27
N GLU D 75 -1.31 -23.23 -24.96
CA GLU D 75 -2.52 -22.44 -25.19
C GLU D 75 -3.11 -22.69 -26.59
N GLN D 76 -2.56 -23.67 -27.33
CA GLN D 76 -3.00 -24.07 -28.67
C GLN D 76 -3.84 -25.35 -28.63
N GLU D 77 -4.99 -25.37 -29.36
CA GLU D 77 -5.92 -26.51 -29.44
C GLU D 77 -5.37 -27.57 -30.40
N PHE D 78 -5.67 -27.50 -31.72
CA PHE D 78 -5.08 -28.48 -32.65
C PHE D 78 -3.74 -27.96 -33.15
N ILE D 79 -2.68 -28.73 -32.88
CA ILE D 79 -1.33 -28.42 -33.32
C ILE D 79 -1.11 -29.03 -34.70
N GLY D 80 -0.81 -28.17 -35.66
CA GLY D 80 -0.61 -28.55 -37.04
C GLY D 80 -1.86 -28.34 -37.87
N ASP D 81 -1.82 -28.84 -39.10
CA ASP D 81 -2.92 -28.76 -40.05
C ASP D 81 -3.36 -30.18 -40.34
N LEU D 82 -4.64 -30.49 -40.07
CA LEU D 82 -5.16 -31.82 -40.31
C LEU D 82 -5.42 -32.01 -41.80
N ILE D 83 -4.75 -32.99 -42.40
CA ILE D 83 -4.81 -33.28 -43.83
C ILE D 83 -5.82 -34.35 -44.22
N GLN D 84 -5.79 -35.50 -43.53
CA GLN D 84 -6.66 -36.64 -43.82
C GLN D 84 -7.05 -37.35 -42.53
N VAL D 85 -8.31 -37.81 -42.43
CA VAL D 85 -8.83 -38.55 -41.28
C VAL D 85 -9.75 -39.70 -41.72
N ASN D 86 -9.44 -40.90 -41.22
CA ASN D 86 -10.24 -42.11 -41.38
C ASN D 86 -10.57 -42.46 -39.92
N PRO D 87 -11.78 -42.09 -39.43
CA PRO D 87 -12.11 -42.30 -38.01
C PRO D 87 -11.76 -43.67 -37.43
N ASN D 88 -10.96 -43.64 -36.35
CA ASN D 88 -10.47 -44.80 -35.59
C ASN D 88 -9.62 -45.76 -36.44
N VAL D 89 -9.04 -45.27 -37.56
CA VAL D 89 -8.20 -46.06 -38.47
C VAL D 89 -6.81 -45.43 -38.67
N LYS D 90 -6.73 -44.38 -39.51
CA LYS D 90 -5.49 -43.67 -39.85
C LYS D 90 -5.79 -42.17 -40.07
N ALA D 91 -4.85 -41.32 -39.63
CA ALA D 91 -4.96 -39.87 -39.77
C ALA D 91 -3.58 -39.24 -40.02
N GLN D 92 -3.57 -38.11 -40.74
CA GLN D 92 -2.33 -37.38 -41.01
C GLN D 92 -2.43 -35.87 -40.96
N SER D 93 -1.43 -35.24 -40.33
CA SER D 93 -1.34 -33.79 -40.16
C SER D 93 0.03 -33.26 -40.59
N ILE D 94 0.07 -32.01 -41.06
CA ILE D 94 1.28 -31.35 -41.50
C ILE D 94 1.60 -30.17 -40.59
N LEU D 95 2.88 -30.01 -40.20
CA LEU D 95 3.31 -28.91 -39.34
C LEU D 95 4.55 -28.23 -39.89
N ASP D 96 4.41 -26.96 -40.30
CA ASP D 96 5.54 -26.19 -40.80
C ASP D 96 6.27 -25.63 -39.59
N ILE D 97 7.57 -25.92 -39.50
CA ILE D 97 8.41 -25.48 -38.39
C ILE D 97 8.86 -24.03 -38.58
N THR D 98 8.20 -23.12 -37.85
CA THR D 98 8.46 -21.67 -37.86
C THR D 98 9.48 -21.32 -36.77
N SER D 99 9.93 -20.05 -36.76
CA SER D 99 10.89 -19.51 -35.77
C SER D 99 10.41 -19.64 -34.33
N ASP D 100 9.09 -19.71 -34.14
CA ASP D 100 8.41 -19.83 -32.85
C ASP D 100 8.50 -21.24 -32.27
N SER D 101 8.79 -22.24 -33.12
CA SER D 101 8.88 -23.64 -32.75
C SER D 101 10.32 -24.12 -32.45
N VAL D 102 11.34 -23.39 -32.94
CA VAL D 102 12.76 -23.73 -32.77
C VAL D 102 13.45 -22.99 -31.62
N PHE D 103 14.53 -23.57 -31.09
CA PHE D 103 15.39 -22.94 -30.08
C PHE D 103 16.21 -21.90 -30.84
N HIS D 104 16.06 -20.62 -30.47
CA HIS D 104 16.72 -19.49 -31.12
C HIS D 104 18.22 -19.71 -31.42
N LYS D 105 18.97 -20.20 -30.42
CA LYS D 105 20.41 -20.48 -30.50
C LYS D 105 20.81 -21.55 -31.51
N THR D 106 20.14 -22.72 -31.47
CA THR D 106 20.44 -23.89 -32.30
C THR D 106 19.69 -23.97 -33.63
N GLY D 107 18.43 -23.53 -33.64
CA GLY D 107 17.56 -23.59 -34.81
C GLY D 107 16.86 -24.92 -34.96
N ILE D 108 16.86 -25.73 -33.87
CA ILE D 108 16.24 -27.05 -33.80
C ILE D 108 14.92 -26.94 -33.05
N ALA D 109 13.87 -27.61 -33.56
CA ALA D 109 12.54 -27.63 -32.98
C ALA D 109 12.56 -28.18 -31.56
N ARG D 110 11.76 -27.57 -30.67
CA ARG D 110 11.66 -27.98 -29.27
C ARG D 110 10.93 -29.31 -29.17
N GLY D 111 11.34 -30.13 -28.21
CA GLY D 111 10.78 -31.45 -27.98
C GLY D 111 9.26 -31.52 -27.96
N HIS D 112 8.64 -30.64 -27.17
CA HIS D 112 7.20 -30.55 -26.99
C HIS D 112 6.42 -30.16 -28.24
N VAL D 113 7.07 -29.50 -29.21
CA VAL D 113 6.45 -29.10 -30.47
C VAL D 113 6.00 -30.33 -31.28
N LEU D 114 6.89 -31.31 -31.46
CA LEU D 114 6.60 -32.53 -32.20
C LEU D 114 5.63 -33.45 -31.47
N PHE D 115 5.70 -33.47 -30.13
CA PHE D 115 4.78 -34.27 -29.31
C PHE D 115 3.37 -33.68 -29.42
N ALA D 116 3.26 -32.34 -29.41
CA ALA D 116 2.00 -31.61 -29.51
C ALA D 116 1.26 -31.97 -30.78
N GLN D 117 1.96 -32.04 -31.92
CA GLN D 117 1.39 -32.41 -33.22
C GLN D 117 0.90 -33.85 -33.18
N ALA D 118 1.72 -34.75 -32.59
CA ALA D 118 1.41 -36.17 -32.46
C ALA D 118 0.17 -36.39 -31.61
N ASN D 119 0.16 -35.82 -30.39
CA ASN D 119 -0.95 -35.93 -29.44
C ASN D 119 -2.24 -35.41 -30.06
N SER D 120 -2.18 -34.21 -30.68
CA SER D 120 -3.33 -33.56 -31.34
C SER D 120 -3.94 -34.47 -32.39
N LEU D 121 -3.09 -35.12 -33.19
CA LEU D 121 -3.46 -36.04 -34.27
C LEU D 121 -4.22 -37.25 -33.73
N CYS D 122 -3.82 -37.75 -32.54
CA CYS D 122 -4.46 -38.89 -31.89
C CYS D 122 -5.88 -38.59 -31.44
N VAL D 123 -6.09 -37.41 -30.84
CA VAL D 123 -7.41 -36.94 -30.38
C VAL D 123 -8.37 -36.79 -31.59
N ALA D 124 -7.82 -36.33 -32.72
CA ALA D 124 -8.55 -36.14 -33.98
C ALA D 124 -8.89 -37.49 -34.62
N LEU D 125 -7.97 -38.45 -34.53
CA LEU D 125 -8.12 -39.80 -35.10
C LEU D 125 -9.24 -40.61 -34.42
N ILE D 126 -9.33 -40.54 -33.07
CA ILE D 126 -10.34 -41.28 -32.32
C ILE D 126 -11.68 -40.54 -32.30
N LYS D 127 -12.68 -41.10 -33.00
CA LYS D 127 -14.04 -40.57 -33.11
C LYS D 127 -14.89 -41.16 -31.98
N GLN D 128 -14.74 -40.58 -30.78
CA GLN D 128 -15.44 -40.96 -29.55
C GLN D 128 -15.84 -39.70 -28.76
N PRO D 129 -16.91 -39.74 -27.92
CA PRO D 129 -17.29 -38.52 -27.16
C PRO D 129 -16.15 -37.96 -26.29
N THR D 130 -15.55 -38.81 -25.44
CA THR D 130 -14.46 -38.42 -24.56
C THR D 130 -13.18 -39.19 -24.88
N VAL D 131 -12.11 -38.46 -25.25
CA VAL D 131 -10.79 -39.02 -25.60
C VAL D 131 -9.73 -38.29 -24.77
N LEU D 132 -8.90 -39.06 -24.01
CA LEU D 132 -7.84 -38.52 -23.16
C LEU D 132 -6.58 -39.36 -23.26
N THR D 133 -5.41 -38.71 -23.33
CA THR D 133 -4.12 -39.40 -23.38
C THR D 133 -3.81 -39.88 -21.98
N HIS D 134 -3.53 -41.18 -21.84
CA HIS D 134 -3.20 -41.81 -20.57
C HIS D 134 -1.72 -42.10 -20.41
N GLU D 135 -1.07 -42.57 -21.48
CA GLU D 135 0.36 -42.88 -21.52
C GLU D 135 0.90 -42.59 -22.90
N SER D 136 2.21 -42.32 -22.98
CA SER D 136 2.92 -42.10 -24.23
C SER D 136 4.41 -42.39 -24.11
N SER D 137 4.96 -43.08 -25.12
CA SER D 137 6.38 -43.42 -25.22
C SER D 137 6.84 -42.85 -26.55
N ILE D 138 7.69 -41.83 -26.50
CA ILE D 138 8.13 -41.11 -27.70
C ILE D 138 9.64 -41.16 -27.93
N GLN D 139 10.06 -41.02 -29.21
CA GLN D 139 11.45 -41.06 -29.64
C GLN D 139 11.73 -39.96 -30.67
N PHE D 140 12.83 -39.20 -30.47
CA PHE D 140 13.26 -38.13 -31.38
C PHE D 140 14.46 -38.62 -32.19
N ILE D 141 14.16 -39.37 -33.26
CA ILE D 141 15.12 -40.01 -34.18
C ILE D 141 16.12 -39.02 -34.80
N GLU D 142 15.62 -37.97 -35.47
CA GLU D 142 16.46 -36.96 -36.09
C GLU D 142 16.10 -35.56 -35.60
N LYS D 143 17.04 -34.61 -35.75
CA LYS D 143 16.83 -33.22 -35.35
C LYS D 143 15.97 -32.52 -36.39
N VAL D 144 14.81 -32.00 -35.96
CA VAL D 144 13.90 -31.25 -36.84
C VAL D 144 14.36 -29.80 -36.78
N LYS D 145 14.81 -29.26 -37.91
CA LYS D 145 15.31 -27.90 -37.96
C LYS D 145 14.27 -26.89 -38.49
N LEU D 146 14.62 -25.60 -38.45
CA LEU D 146 13.81 -24.48 -38.93
C LEU D 146 13.50 -24.63 -40.42
N ASN D 147 12.25 -24.27 -40.81
CA ASN D 147 11.70 -24.32 -42.17
C ASN D 147 11.30 -25.72 -42.70
N ASP D 148 11.51 -26.76 -41.87
CA ASP D 148 11.13 -28.14 -42.22
C ASP D 148 9.62 -28.27 -42.05
N THR D 149 8.99 -29.16 -42.84
CA THR D 149 7.57 -29.44 -42.73
C THR D 149 7.42 -30.87 -42.24
N VAL D 150 6.88 -31.05 -41.04
CA VAL D 150 6.72 -32.36 -40.42
C VAL D 150 5.39 -33.02 -40.82
N ARG D 151 5.47 -34.16 -41.49
CA ARG D 151 4.29 -34.90 -41.90
C ARG D 151 4.11 -36.05 -40.94
N ALA D 152 3.16 -35.89 -40.01
CA ALA D 152 2.87 -36.89 -38.99
C ALA D 152 1.71 -37.79 -39.41
N GLU D 153 1.89 -39.10 -39.27
CA GLU D 153 0.84 -40.08 -39.58
C GLU D 153 0.58 -40.99 -38.40
N ALA D 154 -0.67 -41.01 -37.93
CA ALA D 154 -1.11 -41.82 -36.79
C ALA D 154 -1.99 -42.97 -37.26
N ARG D 155 -1.75 -44.17 -36.71
CA ARG D 155 -2.50 -45.39 -37.04
C ARG D 155 -2.92 -46.11 -35.77
N VAL D 156 -4.18 -46.57 -35.73
CA VAL D 156 -4.71 -47.33 -34.59
C VAL D 156 -4.15 -48.75 -34.73
N VAL D 157 -3.33 -49.18 -33.76
CA VAL D 157 -2.71 -50.50 -33.78
C VAL D 157 -3.50 -51.54 -32.97
N ASN D 158 -4.13 -51.09 -31.88
CA ASN D 158 -4.96 -51.92 -31.01
C ASN D 158 -6.08 -51.10 -30.37
N GLN D 159 -7.12 -51.79 -29.88
CA GLN D 159 -8.26 -51.17 -29.23
C GLN D 159 -8.87 -52.13 -28.20
N THR D 160 -8.85 -51.74 -26.92
CA THR D 160 -9.43 -52.49 -25.81
C THR D 160 -10.81 -51.88 -25.52
N ALA D 161 -11.46 -52.29 -24.41
CA ALA D 161 -12.76 -51.78 -24.02
C ALA D 161 -12.66 -50.35 -23.44
N LYS D 162 -11.49 -50.01 -22.87
CA LYS D 162 -11.22 -48.71 -22.26
C LYS D 162 -10.15 -47.88 -22.98
N HIS D 163 -9.33 -48.50 -23.85
CA HIS D 163 -8.25 -47.78 -24.54
C HIS D 163 -8.12 -48.02 -26.04
N TYR D 164 -7.42 -47.09 -26.71
CA TYR D 164 -7.07 -47.09 -28.13
C TYR D 164 -5.55 -46.97 -28.18
N TYR D 165 -4.87 -47.90 -28.86
CA TYR D 165 -3.41 -47.87 -28.96
C TYR D 165 -3.03 -47.34 -30.33
N VAL D 166 -2.36 -46.17 -30.34
CA VAL D 166 -1.97 -45.46 -31.56
C VAL D 166 -0.45 -45.36 -31.74
N GLU D 167 0.02 -45.59 -32.98
CA GLU D 167 1.42 -45.46 -33.35
C GLU D 167 1.53 -44.26 -34.29
N VAL D 168 2.37 -43.29 -33.91
CA VAL D 168 2.61 -42.08 -34.69
C VAL D 168 4.02 -42.12 -35.27
N LYS D 169 4.13 -41.80 -36.57
CA LYS D 169 5.39 -41.76 -37.29
C LYS D 169 5.44 -40.43 -38.02
N SER D 170 6.36 -39.55 -37.60
CA SER D 170 6.52 -38.23 -38.21
C SER D 170 7.75 -38.21 -39.10
N TYR D 171 7.60 -37.60 -40.30
CA TYR D 171 8.65 -37.54 -41.32
C TYR D 171 8.90 -36.13 -41.83
N VAL D 172 10.12 -35.89 -42.32
CA VAL D 172 10.57 -34.65 -42.96
C VAL D 172 11.15 -35.13 -44.26
N LYS D 173 10.33 -35.01 -45.33
CA LYS D 173 10.49 -35.54 -46.68
C LYS D 173 10.20 -37.06 -46.51
N HIS D 174 11.18 -37.93 -46.79
CA HIS D 174 11.03 -39.37 -46.56
C HIS D 174 12.07 -39.75 -45.49
N THR D 175 12.01 -39.10 -44.31
CA THR D 175 13.02 -39.34 -43.28
C THR D 175 12.34 -39.34 -41.92
N LEU D 176 12.27 -40.51 -41.26
CA LEU D 176 11.65 -40.64 -39.95
C LEU D 176 12.43 -39.82 -38.93
N VAL D 177 11.75 -38.83 -38.34
CA VAL D 177 12.33 -37.91 -37.36
C VAL D 177 11.76 -38.12 -35.96
N PHE D 178 10.54 -38.69 -35.89
CA PHE D 178 9.82 -38.91 -34.65
C PHE D 178 8.98 -40.17 -34.73
N LYS D 179 8.93 -40.91 -33.62
CA LYS D 179 8.14 -42.13 -33.44
C LYS D 179 7.50 -42.04 -32.05
N GLY D 180 6.21 -42.32 -31.96
CA GLY D 180 5.47 -42.24 -30.71
C GLY D 180 4.36 -43.26 -30.56
N ASN D 181 4.28 -43.85 -29.36
CA ASN D 181 3.25 -44.81 -29.00
C ASN D 181 2.29 -44.09 -28.07
N PHE D 182 0.98 -44.21 -28.32
CA PHE D 182 -0.02 -43.51 -27.53
C PHE D 182 -1.08 -44.41 -26.98
N LYS D 183 -1.39 -44.25 -25.69
CA LYS D 183 -2.43 -44.99 -24.97
C LYS D 183 -3.56 -43.99 -24.71
N MSE D 184 -4.56 -44.00 -25.60
CA MSE D 184 -5.69 -43.09 -25.58
C MSE D 184 -6.88 -43.71 -24.89
O MSE D 184 -7.40 -44.72 -25.36
CB MSE D 184 -6.08 -42.67 -27.01
CG MSE D 184 -4.92 -42.16 -27.85
SE MSE D 184 -4.05 -40.61 -27.06
CE MSE D 184 -5.44 -39.27 -27.36
N PHE D 185 -7.34 -43.12 -23.78
CA PHE D 185 -8.52 -43.59 -23.07
C PHE D 185 -9.76 -43.10 -23.81
N TYR D 186 -10.77 -43.95 -23.96
CA TYR D 186 -12.01 -43.58 -24.64
C TYR D 186 -13.24 -43.99 -23.84
N ASP D 187 -14.30 -43.17 -23.91
CA ASP D 187 -15.56 -43.41 -23.22
C ASP D 187 -16.75 -42.99 -24.10
N LYS D 188 -17.73 -43.90 -24.28
CA LYS D 188 -18.94 -43.69 -25.10
C LYS D 188 -20.06 -42.97 -24.32
N ARG D 189 -19.72 -42.22 -23.26
CA ARG D 189 -20.68 -41.50 -22.43
C ARG D 189 -20.73 -40.03 -22.84
N GLY D 190 -21.81 -39.58 -23.29
#